data_4QI6
#
_entry.id   4QI6
#
_cell.length_a   156.151
_cell.length_b   156.151
_cell.length_c   85.337
_cell.angle_alpha   90.00
_cell.angle_beta   90.00
_cell.angle_gamma   90.00
#
_symmetry.space_group_name_H-M   'P 43 21 2'
#
loop_
_entity.id
_entity.type
_entity.pdbx_description
1 polymer 'Cellobiose dehydrogenase'
2 non-polymer 'PROTOPORPHYRIN IX CONTAINING FE'
3 non-polymer 'FLAVIN-ADENINE DINUCLEOTIDE'
4 non-polymer 2-acetamido-2-deoxy-beta-D-glucopyranose
5 non-polymer alpha-D-mannopyranose
#
_entity_poly.entity_id   1
_entity_poly.type   'polypeptide(L)'
_entity_poly.pdbx_seq_one_letter_code
;(PCA)NNVPNTFTDPDSGITFNTWGLDEDSPQTQGGFTFGVALPSDALTTDASEFIGYLKCARNDESGWCGISLGGPMTN
SLLITAWPHEDTVYTSLRFATGYAMPDVYEGDAEITQVSSSVNSTHFSLIFRCKNCLQWSHGGSSGGASTSGGVLVLGWV
QAFDDPGNPTCPEQITLQQHDNGMGIWGAQLNTDAASPSYTDWAAQATKTVTGDCEGPTETSVVGVPVPTGVSFDYIVVG
GGAGGIPAADKLSEAGKSVLLIEKGFASTANTGGTLGPEWLEGHDLTRFDVPGLCNQIWVDSKGIACEDTDQMAGCVLGG
GTAVNAGLWFKPYSLDWDYLFPDGWKYNDVQPAINRALSRIPGTDAPSTDGKRYYQEGFEVLSKGLAAGGWTSVTANNAP
DKKNRTFAHAPFMFAGGERNGPLGTYFQTAKKRNNFDVWLNTSVKRVIREGGHITGVEVEPFRDGGYEGIVPVTKVTGRV
ILSAGTFGSAKILLRSGIGPEDQLEVVAASEKDGPTMIGNSSWINLPVGYNLDDHLNTDTVISHPDVVFYDFYEAWDDPI
ESDKNSYLESRTGILAQAAPNIGPMFWEEIVGADGIVRQLQWTARVEGSLGAPNGHTMTMSQYLGRGATSRGRMTITPSL
TTIVSDVPYLKDPNDKEAVIQGIINLQNALQNVANLTWLFPNSTITPREYVESMVVSPSNRRSNHWMGTNKLGTDDGRKG
GSAVVDLDTRVYGTDNLFVIDASIFPGVPTTNPTSYIVVAAEHASSRILALPDLEPVPKYGQCGGREWTGSFVCADGSTC
EYQNEWYSQCL
;
_entity_poly.pdbx_strand_id   A
#
# COMPACT_ATOMS: atom_id res chain seq x y z
N ASN A 2 4.06 -8.29 -24.32
CA ASN A 2 3.84 -7.50 -25.53
C ASN A 2 2.40 -6.94 -25.62
N ASN A 3 2.29 -5.67 -26.00
CA ASN A 3 0.98 -5.00 -25.95
C ASN A 3 0.17 -5.35 -27.19
N VAL A 4 0.68 -4.94 -28.35
CA VAL A 4 0.08 -5.29 -29.63
C VAL A 4 -0.01 -6.81 -29.77
N PRO A 5 -1.23 -7.32 -29.98
CA PRO A 5 -1.48 -8.77 -29.99
C PRO A 5 -0.82 -9.50 -31.15
N ASN A 6 -0.96 -10.82 -31.15
CA ASN A 6 -0.42 -11.66 -32.21
C ASN A 6 -1.43 -12.73 -32.59
N THR A 7 -1.79 -12.81 -33.86
CA THR A 7 -2.72 -13.83 -34.32
C THR A 7 -2.02 -15.18 -34.36
N PHE A 8 -2.57 -16.14 -33.63
CA PHE A 8 -1.97 -17.46 -33.51
C PHE A 8 -2.99 -18.56 -33.76
N THR A 9 -2.65 -19.46 -34.68
CA THR A 9 -3.57 -20.53 -35.06
C THR A 9 -3.15 -21.87 -34.46
N ASP A 10 -3.96 -22.38 -33.54
CA ASP A 10 -3.76 -23.70 -32.96
C ASP A 10 -4.34 -24.75 -33.91
N PRO A 11 -3.48 -25.57 -34.50
CA PRO A 11 -3.82 -26.47 -35.62
C PRO A 11 -4.88 -27.54 -35.32
N ASP A 12 -4.77 -28.20 -34.17
CA ASP A 12 -5.61 -29.37 -33.89
C ASP A 12 -7.10 -29.04 -33.80
N SER A 13 -7.46 -28.11 -32.92
CA SER A 13 -8.87 -27.74 -32.76
C SER A 13 -9.27 -26.68 -33.78
N GLY A 14 -8.28 -26.14 -34.48
CA GLY A 14 -8.52 -25.12 -35.49
C GLY A 14 -9.03 -23.82 -34.91
N ILE A 15 -8.55 -23.47 -33.72
CA ILE A 15 -9.01 -22.27 -33.03
C ILE A 15 -7.97 -21.15 -33.14
N THR A 16 -8.45 -19.92 -33.34
CA THR A 16 -7.58 -18.77 -33.49
C THR A 16 -7.59 -17.88 -32.25
N PHE A 17 -6.41 -17.45 -31.82
CA PHE A 17 -6.29 -16.59 -30.66
C PHE A 17 -5.49 -15.32 -30.96
N ASN A 18 -5.64 -14.32 -30.09
CA ASN A 18 -4.72 -13.20 -30.02
C ASN A 18 -3.79 -13.41 -28.83
N THR A 19 -2.50 -13.62 -29.10
CA THR A 19 -1.58 -14.02 -28.05
C THR A 19 -0.61 -12.95 -27.61
N TRP A 20 -0.57 -12.71 -26.31
CA TRP A 20 0.47 -11.89 -25.70
C TRP A 20 1.27 -12.78 -24.75
N GLY A 21 2.52 -12.42 -24.51
CA GLY A 21 3.35 -13.19 -23.59
C GLY A 21 4.82 -12.85 -23.63
N LEU A 22 5.55 -13.34 -22.64
CA LEU A 22 6.99 -13.13 -22.57
C LEU A 22 7.71 -14.36 -23.12
N ASP A 23 9.04 -14.33 -23.09
CA ASP A 23 9.83 -15.42 -23.63
C ASP A 23 10.60 -16.15 -22.54
N GLU A 24 11.34 -17.17 -22.94
CA GLU A 24 12.04 -18.03 -21.99
C GLU A 24 13.14 -17.31 -21.23
N ASP A 25 14.05 -16.67 -21.96
CA ASP A 25 15.26 -16.12 -21.34
C ASP A 25 15.14 -14.64 -20.97
N SER A 26 13.98 -14.05 -21.19
CA SER A 26 13.76 -12.67 -20.77
C SER A 26 13.88 -12.58 -19.25
N PRO A 27 14.55 -11.55 -18.74
CA PRO A 27 14.75 -11.41 -17.28
C PRO A 27 13.47 -11.04 -16.54
N GLN A 28 12.42 -11.83 -16.75
CA GLN A 28 11.16 -11.63 -16.05
C GLN A 28 10.71 -12.94 -15.39
N THR A 29 10.41 -13.93 -16.23
CA THR A 29 10.02 -15.25 -15.74
C THR A 29 10.91 -16.33 -16.34
N GLN A 30 11.10 -17.42 -15.59
CA GLN A 30 11.96 -18.51 -16.04
C GLN A 30 11.14 -19.63 -16.68
N GLY A 31 11.35 -19.83 -17.97
CA GLY A 31 10.60 -20.82 -18.72
C GLY A 31 9.56 -20.22 -19.64
N GLY A 32 9.43 -18.90 -19.59
CA GLY A 32 8.54 -18.18 -20.49
C GLY A 32 7.06 -18.27 -20.15
N PHE A 33 6.27 -17.40 -20.76
CA PHE A 33 4.83 -17.40 -20.56
C PHE A 33 4.08 -16.93 -21.81
N THR A 34 2.95 -17.56 -22.08
CA THR A 34 2.11 -17.17 -23.22
C THR A 34 0.63 -17.32 -22.89
N PHE A 35 -0.17 -16.32 -23.25
CA PHE A 35 -1.61 -16.36 -23.04
C PHE A 35 -2.36 -15.77 -24.23
N GLY A 36 -3.53 -16.32 -24.52
CA GLY A 36 -4.32 -15.87 -25.66
C GLY A 36 -5.81 -15.99 -25.42
N VAL A 37 -6.60 -15.41 -26.31
CA VAL A 37 -8.06 -15.42 -26.15
C VAL A 37 -8.79 -15.73 -27.46
N ALA A 38 -9.86 -16.51 -27.34
CA ALA A 38 -10.77 -16.74 -28.44
C ALA A 38 -12.17 -16.28 -28.03
N LEU A 39 -12.66 -15.24 -28.69
CA LEU A 39 -13.90 -14.60 -28.27
C LEU A 39 -15.09 -15.02 -29.13
N PRO A 40 -16.32 -14.58 -28.76
CA PRO A 40 -17.46 -14.73 -29.66
C PRO A 40 -17.35 -13.81 -30.87
N SER A 41 -18.36 -13.84 -31.74
CA SER A 41 -18.31 -13.08 -32.98
C SER A 41 -18.48 -11.57 -32.77
N ASP A 42 -19.33 -11.21 -31.81
CA ASP A 42 -19.70 -9.82 -31.58
C ASP A 42 -18.89 -9.13 -30.49
N ALA A 43 -17.89 -9.82 -29.96
CA ALA A 43 -17.14 -9.38 -28.78
C ALA A 43 -16.60 -7.95 -28.83
N LEU A 44 -15.98 -7.59 -29.95
CA LEU A 44 -15.30 -6.30 -30.05
C LEU A 44 -16.26 -5.10 -30.05
N THR A 45 -17.55 -5.37 -30.19
CA THR A 45 -18.57 -4.33 -30.14
C THR A 45 -19.33 -4.39 -28.81
N THR A 46 -20.04 -5.49 -28.58
CA THR A 46 -20.75 -5.70 -27.33
C THR A 46 -20.01 -6.71 -26.45
N ASP A 47 -19.99 -6.45 -25.14
CA ASP A 47 -19.20 -7.23 -24.20
C ASP A 47 -19.54 -8.72 -24.21
N ALA A 48 -18.50 -9.55 -24.21
CA ALA A 48 -18.65 -11.00 -24.13
C ALA A 48 -18.87 -11.44 -22.68
N SER A 49 -19.54 -12.58 -22.50
CA SER A 49 -19.72 -13.15 -21.17
C SER A 49 -18.66 -14.23 -20.93
N GLU A 50 -18.72 -15.29 -21.73
CA GLU A 50 -17.72 -16.35 -21.66
C GLU A 50 -16.64 -16.13 -22.70
N PHE A 51 -15.63 -17.01 -22.72
CA PHE A 51 -14.57 -16.95 -23.72
C PHE A 51 -13.75 -18.23 -23.74
N ILE A 52 -12.78 -18.27 -24.65
CA ILE A 52 -11.85 -19.39 -24.76
C ILE A 52 -10.42 -18.85 -24.72
N GLY A 53 -9.52 -19.58 -24.09
CA GLY A 53 -8.16 -19.10 -23.91
C GLY A 53 -7.09 -20.16 -23.95
N TYR A 54 -5.85 -19.71 -24.10
CA TYR A 54 -4.71 -20.59 -24.27
C TYR A 54 -3.62 -20.27 -23.25
N LEU A 55 -3.18 -21.27 -22.51
CA LEU A 55 -2.17 -21.08 -21.47
C LEU A 55 -0.90 -21.89 -21.72
N LYS A 56 0.20 -21.20 -21.97
CA LYS A 56 1.50 -21.84 -22.05
C LYS A 56 2.35 -21.40 -20.86
N CYS A 57 2.57 -22.31 -19.93
CA CYS A 57 3.23 -21.96 -18.67
C CYS A 57 4.53 -22.74 -18.46
N ALA A 58 5.39 -22.18 -17.60
CA ALA A 58 6.71 -22.74 -17.36
C ALA A 58 6.70 -23.86 -16.33
N ARG A 59 7.60 -24.84 -16.52
CA ARG A 59 7.81 -25.89 -15.54
C ARG A 59 9.29 -25.99 -15.23
N ASN A 60 9.66 -25.67 -14.00
CA ASN A 60 11.07 -25.69 -13.59
C ASN A 60 11.41 -26.92 -12.77
N ASP A 61 12.31 -27.75 -13.30
CA ASP A 61 12.71 -29.00 -12.67
C ASP A 61 11.46 -29.85 -12.39
N GLU A 62 10.59 -29.93 -13.40
CA GLU A 62 9.32 -30.64 -13.29
C GLU A 62 8.47 -30.13 -12.12
N SER A 63 8.57 -28.83 -11.85
CA SER A 63 7.81 -28.22 -10.76
C SER A 63 7.38 -26.80 -11.11
N GLY A 64 6.14 -26.47 -10.77
CA GLY A 64 5.66 -25.09 -10.91
C GLY A 64 4.17 -24.97 -11.08
N TRP A 65 3.69 -23.73 -11.10
CA TRP A 65 2.32 -23.43 -11.48
C TRP A 65 2.24 -22.00 -12.00
N CYS A 66 1.04 -21.61 -12.43
CA CYS A 66 0.84 -20.28 -12.99
C CYS A 66 -0.59 -19.82 -12.79
N GLY A 67 -0.83 -18.53 -12.95
CA GLY A 67 -2.15 -17.97 -12.75
C GLY A 67 -2.49 -16.78 -13.63
N ILE A 68 -3.79 -16.49 -13.73
CA ILE A 68 -4.27 -15.39 -14.55
C ILE A 68 -5.31 -14.56 -13.82
N SER A 69 -5.04 -13.27 -13.66
CA SER A 69 -6.01 -12.34 -13.10
C SER A 69 -6.75 -11.63 -14.23
N LEU A 70 -8.05 -11.90 -14.34
CA LEU A 70 -8.84 -11.36 -15.44
C LEU A 70 -9.10 -9.86 -15.30
N GLY A 71 -9.17 -9.38 -14.06
CA GLY A 71 -9.19 -7.95 -13.82
C GLY A 71 -7.79 -7.41 -13.96
N GLY A 72 -6.84 -8.24 -13.53
CA GLY A 72 -5.41 -7.96 -13.61
C GLY A 72 -4.69 -7.55 -12.33
N PRO A 73 -5.39 -6.92 -11.38
CA PRO A 73 -4.82 -6.94 -10.02
C PRO A 73 -5.11 -8.27 -9.34
N MET A 74 -4.30 -8.62 -8.36
CA MET A 74 -4.52 -9.86 -7.62
C MET A 74 -5.82 -9.83 -6.84
N THR A 75 -6.10 -8.67 -6.25
CA THR A 75 -7.21 -8.52 -5.31
C THR A 75 -8.54 -8.18 -5.98
N ASN A 76 -9.61 -8.77 -5.47
CA ASN A 76 -10.98 -8.51 -5.92
C ASN A 76 -11.18 -8.72 -7.42
N SER A 77 -10.52 -9.75 -7.94
CA SER A 77 -10.67 -10.13 -9.34
C SER A 77 -10.72 -11.65 -9.46
N LEU A 78 -11.36 -12.15 -10.51
CA LEU A 78 -11.46 -13.58 -10.72
C LEU A 78 -10.12 -14.15 -11.17
N LEU A 79 -9.62 -15.13 -10.43
CA LEU A 79 -8.32 -15.71 -10.70
C LEU A 79 -8.42 -17.11 -11.30
N ILE A 80 -7.61 -17.36 -12.33
CA ILE A 80 -7.48 -18.69 -12.91
C ILE A 80 -6.17 -19.30 -12.42
N THR A 81 -6.24 -20.52 -11.89
CA THR A 81 -5.05 -21.18 -11.37
C THR A 81 -4.85 -22.53 -12.05
N ALA A 82 -3.63 -22.80 -12.51
CA ALA A 82 -3.34 -24.04 -13.21
C ALA A 82 -1.99 -24.64 -12.81
N TRP A 83 -1.99 -25.93 -12.48
CA TRP A 83 -0.75 -26.64 -12.16
C TRP A 83 -0.80 -28.06 -12.71
N PRO A 84 0.35 -28.56 -13.22
CA PRO A 84 0.44 -29.94 -13.70
C PRO A 84 0.56 -30.97 -12.58
N HIS A 85 -0.15 -32.08 -12.72
CA HIS A 85 0.10 -33.26 -11.90
C HIS A 85 0.01 -34.48 -12.81
N GLU A 86 1.12 -35.21 -12.92
CA GLU A 86 1.24 -36.28 -13.91
C GLU A 86 0.90 -35.73 -15.29
N ASP A 87 -0.01 -36.41 -16.00
CA ASP A 87 -0.45 -35.94 -17.31
C ASP A 87 -1.52 -34.85 -17.18
N THR A 88 -2.39 -35.01 -16.19
CA THR A 88 -3.55 -34.13 -16.01
C THR A 88 -3.18 -32.73 -15.52
N VAL A 89 -3.75 -31.72 -16.18
CA VAL A 89 -3.63 -30.33 -15.72
C VAL A 89 -4.88 -29.95 -14.94
N TYR A 90 -4.68 -29.34 -13.78
CA TYR A 90 -5.80 -29.02 -12.89
C TYR A 90 -6.07 -27.52 -12.84
N THR A 91 -7.34 -27.16 -12.67
CA THR A 91 -7.73 -25.75 -12.62
C THR A 91 -8.68 -25.47 -11.46
N SER A 92 -8.36 -24.44 -10.69
CA SER A 92 -9.25 -23.98 -9.61
C SER A 92 -9.40 -22.46 -9.64
N LEU A 93 -10.63 -22.00 -9.87
CA LEU A 93 -10.92 -20.58 -9.88
C LEU A 93 -10.96 -20.03 -8.47
N ARG A 94 -10.19 -18.98 -8.20
CA ARG A 94 -10.08 -18.45 -6.86
C ARG A 94 -10.45 -16.97 -6.76
N PHE A 95 -10.48 -16.45 -5.54
CA PHE A 95 -10.75 -15.05 -5.29
C PHE A 95 -9.98 -14.58 -4.07
N ALA A 96 -9.37 -13.41 -4.15
CA ALA A 96 -8.56 -12.91 -3.05
C ALA A 96 -8.91 -11.47 -2.68
N THR A 97 -9.29 -11.26 -1.42
CA THR A 97 -9.61 -9.91 -0.94
C THR A 97 -8.36 -9.04 -0.79
N GLY A 98 -7.41 -9.52 -0.01
CA GLY A 98 -6.14 -8.85 0.18
C GLY A 98 -5.02 -9.61 -0.47
N TYR A 99 -3.79 -9.40 0.02
CA TYR A 99 -2.67 -10.24 -0.40
C TYR A 99 -2.56 -11.39 0.60
N ALA A 100 -2.93 -12.57 0.14
CA ALA A 100 -3.12 -13.75 1.00
C ALA A 100 -3.62 -14.91 0.16
N MET A 101 -3.82 -16.06 0.80
CA MET A 101 -4.39 -17.22 0.12
C MET A 101 -5.77 -16.93 -0.45
N PRO A 102 -5.90 -17.00 -1.78
CA PRO A 102 -7.20 -16.79 -2.41
C PRO A 102 -8.17 -17.93 -2.09
N ASP A 103 -9.40 -17.59 -1.70
CA ASP A 103 -10.44 -18.58 -1.46
C ASP A 103 -11.08 -19.02 -2.78
N VAL A 104 -11.63 -20.23 -2.79
CA VAL A 104 -12.30 -20.74 -3.97
C VAL A 104 -13.45 -19.83 -4.38
N TYR A 105 -13.50 -19.48 -5.66
CA TYR A 105 -14.54 -18.59 -6.18
C TYR A 105 -15.92 -19.21 -6.02
N GLU A 106 -16.83 -18.47 -5.39
CA GLU A 106 -18.15 -18.99 -5.04
C GLU A 106 -19.20 -18.65 -6.09
N GLY A 107 -18.78 -18.02 -7.17
CA GLY A 107 -19.70 -17.53 -8.18
C GLY A 107 -20.19 -18.58 -9.17
N ASP A 108 -20.63 -18.11 -10.34
CA ASP A 108 -21.29 -18.95 -11.32
C ASP A 108 -20.34 -19.53 -12.38
N ALA A 109 -19.06 -19.16 -12.29
CA ALA A 109 -18.08 -19.55 -13.31
C ALA A 109 -17.78 -21.05 -13.30
N GLU A 110 -17.47 -21.58 -14.47
CA GLU A 110 -17.13 -23.00 -14.62
C GLU A 110 -16.06 -23.18 -15.70
N ILE A 111 -15.12 -24.09 -15.45
CA ILE A 111 -14.03 -24.35 -16.40
C ILE A 111 -14.18 -25.70 -17.10
N THR A 112 -14.07 -25.67 -18.43
CA THR A 112 -14.04 -26.89 -19.23
C THR A 112 -12.77 -26.93 -20.06
N GLN A 113 -12.32 -28.13 -20.43
CA GLN A 113 -11.05 -28.28 -21.14
C GLN A 113 -11.21 -28.84 -22.54
N VAL A 114 -10.29 -28.44 -23.43
CA VAL A 114 -10.23 -28.99 -24.78
C VAL A 114 -9.04 -29.93 -24.89
N SER A 115 -7.84 -29.38 -24.71
CA SER A 115 -6.61 -30.15 -24.80
C SER A 115 -5.75 -30.03 -23.53
N SER A 116 -4.95 -31.06 -23.28
CA SER A 116 -4.02 -31.04 -22.16
C SER A 116 -2.67 -31.61 -22.60
N SER A 117 -1.61 -30.82 -22.43
CA SER A 117 -0.27 -31.25 -22.83
C SER A 117 0.75 -30.92 -21.74
N VAL A 118 1.49 -31.95 -21.31
CA VAL A 118 2.48 -31.79 -20.25
C VAL A 118 3.81 -32.47 -20.60
N ASN A 119 4.88 -31.68 -20.65
CA ASN A 119 6.21 -32.23 -20.80
C ASN A 119 7.14 -31.70 -19.70
N SER A 120 8.42 -32.00 -19.81
CA SER A 120 9.40 -31.65 -18.78
C SER A 120 9.47 -30.16 -18.49
N THR A 121 9.72 -29.35 -19.51
CA THR A 121 9.94 -27.92 -19.33
C THR A 121 8.67 -27.07 -19.42
N HIS A 122 7.57 -27.67 -19.87
CA HIS A 122 6.33 -26.91 -20.07
C HIS A 122 5.07 -27.73 -19.82
N PHE A 123 3.99 -27.03 -19.49
CA PHE A 123 2.66 -27.62 -19.55
C PHE A 123 1.71 -26.59 -20.17
N SER A 124 1.05 -26.96 -21.26
CA SER A 124 0.17 -26.03 -21.95
C SER A 124 -1.30 -26.34 -21.68
N LEU A 125 -2.18 -25.47 -22.15
CA LEU A 125 -3.62 -25.67 -21.96
C LEU A 125 -4.45 -24.97 -23.03
N ILE A 126 -5.58 -25.57 -23.38
CA ILE A 126 -6.62 -24.89 -24.13
C ILE A 126 -7.95 -25.17 -23.44
N PHE A 127 -8.58 -24.12 -22.91
CA PHE A 127 -9.78 -24.31 -22.10
C PHE A 127 -10.89 -23.32 -22.44
N ARG A 128 -12.03 -23.48 -21.78
CA ARG A 128 -13.17 -22.59 -22.00
C ARG A 128 -13.74 -22.11 -20.67
N CYS A 129 -13.73 -20.78 -20.47
CA CYS A 129 -14.25 -20.19 -19.24
C CYS A 129 -15.64 -19.63 -19.44
N LYS A 130 -16.62 -20.18 -18.67
CA LYS A 130 -18.01 -19.75 -18.79
C LYS A 130 -18.39 -18.78 -17.66
N ASN A 131 -19.04 -17.68 -18.02
CA ASN A 131 -19.46 -16.66 -17.06
C ASN A 131 -18.29 -16.07 -16.27
N CYS A 132 -17.10 -16.12 -16.86
CA CYS A 132 -15.89 -15.69 -16.17
C CYS A 132 -15.66 -14.18 -16.21
N LEU A 133 -15.94 -13.56 -17.36
CA LEU A 133 -15.68 -12.13 -17.55
C LEU A 133 -16.48 -11.28 -16.58
N GLN A 134 -17.75 -11.61 -16.41
CA GLN A 134 -18.57 -10.96 -15.38
C GLN A 134 -18.65 -11.87 -14.16
N TRP A 135 -18.03 -11.43 -13.06
CA TRP A 135 -17.94 -12.27 -11.88
C TRP A 135 -18.50 -11.58 -10.63
N SER A 136 -19.04 -12.39 -9.71
CA SER A 136 -19.50 -11.89 -8.43
C SER A 136 -19.14 -12.84 -7.29
N HIS A 137 -18.47 -12.31 -6.27
CA HIS A 137 -18.07 -13.12 -5.11
C HIS A 137 -18.38 -12.42 -3.79
N GLY A 138 -19.26 -13.02 -3.00
CA GLY A 138 -19.57 -12.57 -1.65
C GLY A 138 -19.89 -11.09 -1.51
N GLY A 139 -20.64 -10.55 -2.47
CA GLY A 139 -21.02 -9.14 -2.43
C GLY A 139 -20.21 -8.27 -3.36
N SER A 140 -19.03 -8.76 -3.74
CA SER A 140 -18.17 -8.04 -4.68
C SER A 140 -18.54 -8.41 -6.11
N SER A 141 -18.67 -7.41 -6.97
CA SER A 141 -18.99 -7.66 -8.37
C SER A 141 -17.99 -6.99 -9.30
N GLY A 142 -17.21 -7.80 -10.00
CA GLY A 142 -16.25 -7.30 -10.97
C GLY A 142 -16.71 -7.57 -12.39
N GLY A 143 -15.88 -7.18 -13.36
CA GLY A 143 -16.20 -7.39 -14.75
C GLY A 143 -15.06 -7.07 -15.70
N ALA A 144 -15.13 -7.62 -16.90
CA ALA A 144 -14.14 -7.36 -17.94
C ALA A 144 -14.83 -7.06 -19.26
N SER A 145 -14.59 -5.86 -19.79
CA SER A 145 -15.27 -5.41 -21.01
C SER A 145 -14.38 -5.53 -22.25
N THR A 146 -14.77 -6.42 -23.15
CA THR A 146 -14.04 -6.62 -24.40
C THR A 146 -14.45 -5.61 -25.46
N SER A 147 -15.43 -4.78 -25.12
CA SER A 147 -15.96 -3.78 -26.05
C SER A 147 -14.99 -2.63 -26.26
N GLY A 148 -14.21 -2.31 -25.23
CA GLY A 148 -13.28 -1.20 -25.28
C GLY A 148 -12.15 -1.43 -26.27
N GLY A 149 -11.88 -2.70 -26.56
CA GLY A 149 -10.81 -3.05 -27.48
C GLY A 149 -9.56 -3.48 -26.74
N VAL A 150 -9.47 -3.08 -25.47
CA VAL A 150 -8.34 -3.46 -24.64
C VAL A 150 -8.82 -4.25 -23.42
N LEU A 151 -7.99 -5.17 -22.95
CA LEU A 151 -8.29 -5.95 -21.76
C LEU A 151 -7.11 -5.94 -20.81
N VAL A 152 -7.30 -5.37 -19.62
CA VAL A 152 -6.24 -5.37 -18.62
C VAL A 152 -6.18 -6.72 -17.93
N LEU A 153 -5.03 -7.38 -18.03
CA LEU A 153 -4.84 -8.72 -17.51
C LEU A 153 -3.61 -8.78 -16.62
N GLY A 154 -3.47 -9.87 -15.89
CA GLY A 154 -2.33 -10.07 -15.03
C GLY A 154 -1.96 -11.54 -14.96
N TRP A 155 -0.71 -11.80 -14.59
CA TRP A 155 -0.16 -13.15 -14.68
C TRP A 155 0.87 -13.42 -13.60
N VAL A 156 0.95 -14.68 -13.18
CA VAL A 156 1.98 -15.11 -12.24
C VAL A 156 2.49 -16.49 -12.61
N GLN A 157 3.68 -16.83 -12.13
CA GLN A 157 4.23 -18.16 -12.28
C GLN A 157 5.01 -18.53 -11.02
N ALA A 158 5.21 -19.82 -10.78
CA ALA A 158 5.90 -20.25 -9.58
C ALA A 158 6.80 -21.46 -9.80
N PHE A 159 7.63 -21.74 -8.80
CA PHE A 159 8.54 -22.87 -8.81
C PHE A 159 7.95 -24.06 -8.07
N ASP A 160 7.64 -23.87 -6.80
CA ASP A 160 7.10 -24.94 -5.96
C ASP A 160 5.73 -25.41 -6.46
N ASP A 161 5.32 -26.59 -5.98
CA ASP A 161 4.04 -27.16 -6.36
C ASP A 161 3.13 -27.13 -5.13
N PRO A 162 1.81 -27.00 -5.36
CA PRO A 162 0.84 -26.74 -4.28
C PRO A 162 0.70 -27.88 -3.27
N GLY A 163 0.02 -27.60 -2.16
CA GLY A 163 -0.45 -28.65 -1.27
C GLY A 163 -1.36 -29.52 -2.12
N ASN A 164 -1.74 -30.70 -1.64
CA ASN A 164 -1.89 -31.85 -2.53
C ASN A 164 -2.59 -31.54 -3.84
N PRO A 165 -1.87 -31.74 -4.95
CA PRO A 165 -2.30 -31.38 -6.31
C PRO A 165 -3.27 -32.41 -6.87
N THR A 166 -4.31 -32.69 -6.10
CA THR A 166 -5.34 -33.64 -6.49
C THR A 166 -6.69 -32.96 -6.47
N CYS A 167 -7.10 -32.54 -5.27
CA CYS A 167 -8.34 -31.78 -5.10
C CYS A 167 -8.08 -30.30 -5.28
N PRO A 168 -8.59 -29.70 -6.37
CA PRO A 168 -8.34 -28.31 -6.75
C PRO A 168 -8.76 -27.29 -5.71
N GLU A 169 -9.85 -27.56 -4.98
CA GLU A 169 -10.40 -26.58 -4.05
C GLU A 169 -9.64 -26.51 -2.72
N GLN A 170 -9.09 -27.64 -2.28
CA GLN A 170 -8.44 -27.70 -0.97
C GLN A 170 -6.92 -27.50 -0.99
N ILE A 171 -6.36 -27.19 -2.16
CA ILE A 171 -4.92 -27.02 -2.28
C ILE A 171 -4.38 -25.87 -1.44
N THR A 172 -3.10 -25.94 -1.10
CA THR A 172 -2.43 -24.87 -0.39
C THR A 172 -1.25 -24.33 -1.20
N LEU A 173 -1.05 -23.02 -1.16
CA LEU A 173 -0.02 -22.36 -1.96
C LEU A 173 0.82 -21.41 -1.12
N GLN A 174 1.93 -20.97 -1.70
CA GLN A 174 2.76 -19.93 -1.11
C GLN A 174 3.06 -18.89 -2.19
N GLN A 175 3.62 -17.77 -1.79
CA GLN A 175 3.82 -16.63 -2.70
C GLN A 175 4.53 -17.02 -4.00
N HIS A 176 3.99 -16.57 -5.12
CA HIS A 176 4.55 -16.94 -6.42
C HIS A 176 5.90 -16.26 -6.60
N ASP A 177 6.94 -17.07 -6.75
CA ASP A 177 8.31 -16.53 -6.76
C ASP A 177 8.91 -16.34 -8.15
N ASN A 178 8.24 -16.78 -9.20
CA ASN A 178 8.77 -16.56 -10.55
C ASN A 178 7.88 -15.65 -11.38
N GLY A 179 8.29 -14.39 -11.51
CA GLY A 179 7.63 -13.46 -12.39
C GLY A 179 6.32 -12.94 -11.83
N MET A 180 5.95 -11.72 -12.23
CA MET A 180 4.60 -11.21 -12.06
C MET A 180 4.44 -10.02 -12.99
N GLY A 181 3.22 -9.61 -13.29
CA GLY A 181 3.03 -8.45 -14.14
C GLY A 181 1.61 -8.10 -14.53
N ILE A 182 1.44 -6.88 -15.00
CA ILE A 182 0.16 -6.38 -15.51
C ILE A 182 0.37 -5.70 -16.86
N TRP A 183 -0.43 -6.07 -17.85
CA TRP A 183 -0.30 -5.46 -19.17
C TRP A 183 -1.67 -5.27 -19.82
N GLY A 184 -1.85 -4.15 -20.50
CA GLY A 184 -3.04 -3.94 -21.31
C GLY A 184 -2.98 -4.83 -22.53
N ALA A 185 -4.04 -5.61 -22.76
CA ALA A 185 -4.07 -6.52 -23.89
C ALA A 185 -5.06 -6.04 -24.94
N GLN A 186 -4.54 -5.56 -26.06
CA GLN A 186 -5.35 -5.08 -27.17
C GLN A 186 -5.85 -6.24 -28.04
N LEU A 187 -7.01 -6.06 -28.63
CA LEU A 187 -7.61 -7.07 -29.49
C LEU A 187 -7.75 -6.55 -30.92
N ASN A 188 -7.83 -7.46 -31.88
CA ASN A 188 -7.95 -7.08 -33.28
C ASN A 188 -8.85 -8.05 -34.07
N THR A 189 -8.83 -7.92 -35.39
CA THR A 189 -9.78 -8.61 -36.26
C THR A 189 -9.86 -10.12 -36.09
N ASP A 190 -8.81 -10.72 -35.53
CA ASP A 190 -8.77 -12.18 -35.37
C ASP A 190 -9.25 -12.65 -34.00
N ALA A 191 -9.60 -11.70 -33.12
CA ALA A 191 -10.11 -12.04 -31.80
C ALA A 191 -11.49 -12.67 -31.90
N ALA A 192 -12.35 -12.04 -32.69
CA ALA A 192 -13.73 -12.48 -32.84
C ALA A 192 -13.90 -13.38 -34.05
N SER A 193 -14.42 -14.57 -33.82
CA SER A 193 -14.66 -15.52 -34.91
C SER A 193 -16.09 -16.04 -34.89
N PRO A 194 -16.69 -16.19 -36.07
CA PRO A 194 -18.05 -16.75 -36.23
C PRO A 194 -18.11 -18.24 -35.90
N SER A 195 -16.94 -18.88 -35.86
CA SER A 195 -16.86 -20.32 -35.60
C SER A 195 -16.84 -20.63 -34.11
N TYR A 196 -16.99 -19.59 -33.29
CA TYR A 196 -16.85 -19.69 -31.85
C TYR A 196 -17.66 -20.80 -31.19
N THR A 197 -18.86 -21.06 -31.70
CA THR A 197 -19.73 -22.07 -31.10
C THR A 197 -19.27 -23.49 -31.41
N ASP A 198 -18.70 -23.69 -32.59
CA ASP A 198 -18.15 -25.00 -32.93
C ASP A 198 -16.94 -25.30 -32.04
N TRP A 199 -16.23 -24.24 -31.69
CA TRP A 199 -15.09 -24.34 -30.79
C TRP A 199 -15.55 -24.43 -29.33
N ALA A 200 -16.69 -23.82 -29.03
CA ALA A 200 -17.21 -23.80 -27.66
C ALA A 200 -17.77 -25.16 -27.25
N ALA A 201 -18.52 -25.77 -28.14
CA ALA A 201 -19.09 -27.09 -27.89
C ALA A 201 -18.01 -28.18 -27.98
N GLN A 202 -16.81 -27.77 -28.37
CA GLN A 202 -15.70 -28.71 -28.55
C GLN A 202 -14.95 -28.95 -27.24
N ALA A 203 -15.41 -28.35 -26.15
CA ALA A 203 -14.81 -28.62 -24.85
C ALA A 203 -15.67 -29.62 -24.10
N THR A 204 -15.19 -30.86 -24.05
CA THR A 204 -15.95 -31.97 -23.49
C THR A 204 -15.53 -32.37 -22.08
N LYS A 205 -14.56 -31.67 -21.51
CA LYS A 205 -13.93 -32.14 -20.27
C LYS A 205 -14.42 -31.45 -19.01
N THR A 206 -14.74 -32.27 -18.01
CA THR A 206 -14.98 -31.80 -16.65
C THR A 206 -14.06 -32.56 -15.70
N VAL A 207 -13.13 -31.86 -15.08
CA VAL A 207 -12.09 -32.51 -14.26
C VAL A 207 -12.52 -32.66 -12.80
N THR A 208 -12.40 -33.89 -12.28
CA THR A 208 -12.79 -34.20 -10.92
C THR A 208 -11.63 -34.19 -9.94
N GLY A 209 -11.90 -34.62 -8.71
CA GLY A 209 -10.90 -34.72 -7.67
C GLY A 209 -11.49 -35.41 -6.44
N ASP A 210 -10.74 -35.43 -5.35
CA ASP A 210 -11.23 -36.01 -4.11
C ASP A 210 -11.11 -35.02 -2.95
N SER A 218 -9.83 -21.46 15.79
CA SER A 218 -10.02 -20.38 16.74
C SER A 218 -8.69 -19.86 17.28
N VAL A 219 -8.75 -18.74 17.98
CA VAL A 219 -7.56 -18.14 18.59
C VAL A 219 -7.78 -17.91 20.08
N VAL A 220 -6.70 -17.86 20.85
CA VAL A 220 -6.79 -17.71 22.29
C VAL A 220 -7.39 -16.36 22.68
N GLY A 221 -8.33 -16.41 23.62
CA GLY A 221 -9.25 -15.31 23.89
C GLY A 221 -9.02 -14.41 25.09
N VAL A 222 -7.77 -14.23 25.52
CA VAL A 222 -7.47 -13.63 26.83
C VAL A 222 -8.25 -12.35 27.12
N PRO A 223 -8.95 -12.33 28.27
CA PRO A 223 -9.88 -11.28 28.71
C PRO A 223 -9.23 -10.00 29.19
N VAL A 224 -10.03 -8.94 29.26
CA VAL A 224 -9.61 -7.64 29.77
C VAL A 224 -9.55 -7.63 31.30
N PRO A 225 -8.47 -7.04 31.85
CA PRO A 225 -8.33 -6.86 33.31
C PRO A 225 -9.47 -6.04 33.91
N THR A 226 -9.62 -6.10 35.24
CA THR A 226 -10.85 -5.68 35.90
C THR A 226 -11.09 -4.16 35.95
N GLY A 227 -10.28 -3.45 36.72
CA GLY A 227 -10.52 -2.03 36.96
C GLY A 227 -9.73 -1.09 36.07
N VAL A 228 -9.29 -1.59 34.92
CA VAL A 228 -8.39 -0.84 34.05
C VAL A 228 -9.08 0.17 33.13
N SER A 229 -8.61 1.41 33.17
CA SER A 229 -9.05 2.47 32.25
C SER A 229 -7.84 3.30 31.82
N PHE A 230 -8.02 4.12 30.78
CA PHE A 230 -6.92 4.93 30.26
C PHE A 230 -7.33 6.35 29.90
N ASP A 231 -6.42 7.30 30.13
CA ASP A 231 -6.65 8.68 29.72
C ASP A 231 -6.57 8.79 28.20
N TYR A 232 -5.75 7.95 27.60
CA TYR A 232 -5.57 7.93 26.16
C TYR A 232 -5.46 6.50 25.63
N ILE A 233 -6.18 6.20 24.56
CA ILE A 233 -6.04 4.93 23.87
C ILE A 233 -5.62 5.19 22.42
N VAL A 234 -4.38 4.82 22.09
CA VAL A 234 -3.85 5.03 20.75
C VAL A 234 -3.88 3.74 19.96
N VAL A 235 -4.62 3.74 18.85
CA VAL A 235 -4.80 2.53 18.07
C VAL A 235 -3.79 2.43 16.93
N GLY A 236 -2.90 1.46 17.04
CA GLY A 236 -1.87 1.21 16.04
C GLY A 236 -0.53 1.79 16.42
N GLY A 237 0.54 1.08 16.06
CA GLY A 237 1.89 1.47 16.42
C GLY A 237 2.69 2.06 15.27
N GLY A 238 1.99 2.57 14.27
CA GLY A 238 2.63 2.99 13.04
C GLY A 238 3.41 4.30 13.13
N ALA A 239 3.64 4.89 11.97
CA ALA A 239 4.46 6.10 11.84
C ALA A 239 3.95 7.26 12.70
N GLY A 240 2.63 7.38 12.82
CA GLY A 240 2.05 8.44 13.63
C GLY A 240 1.67 8.00 15.03
N GLY A 241 1.51 6.70 15.24
CA GLY A 241 1.03 6.19 16.51
C GLY A 241 2.04 6.18 17.64
N ILE A 242 3.22 5.65 17.35
CA ILE A 242 4.28 5.55 18.35
C ILE A 242 4.81 6.93 18.79
N PRO A 243 5.04 7.86 17.85
CA PRO A 243 5.42 9.19 18.33
C PRO A 243 4.34 9.88 19.15
N ALA A 244 3.08 9.71 18.76
CA ALA A 244 1.98 10.36 19.45
C ALA A 244 1.83 9.84 20.88
N ALA A 245 1.79 8.51 21.01
CA ALA A 245 1.62 7.86 22.31
C ALA A 245 2.78 8.20 23.24
N ASP A 246 3.96 8.40 22.67
CA ASP A 246 5.14 8.73 23.46
C ASP A 246 5.02 10.11 24.11
N LYS A 247 4.59 11.09 23.32
CA LYS A 247 4.48 12.46 23.80
C LYS A 247 3.33 12.61 24.79
N LEU A 248 2.31 11.78 24.65
CA LEU A 248 1.18 11.77 25.57
C LEU A 248 1.58 11.19 26.92
N SER A 249 2.36 10.13 26.89
CA SER A 249 2.85 9.48 28.10
C SER A 249 3.88 10.37 28.81
N GLU A 250 4.60 11.16 28.03
CA GLU A 250 5.57 12.10 28.58
C GLU A 250 4.88 13.16 29.43
N ALA A 251 3.67 13.54 29.02
CA ALA A 251 2.90 14.55 29.73
C ALA A 251 2.38 14.01 31.07
N GLY A 252 2.39 12.70 31.22
CA GLY A 252 1.98 12.07 32.47
C GLY A 252 0.64 11.36 32.39
N LYS A 253 -0.06 11.53 31.28
CA LYS A 253 -1.35 10.88 31.07
C LYS A 253 -1.17 9.37 30.95
N SER A 254 -2.15 8.61 31.44
CA SER A 254 -2.09 7.15 31.33
C SER A 254 -2.49 6.74 29.92
N VAL A 255 -1.57 6.06 29.23
CA VAL A 255 -1.74 5.78 27.81
C VAL A 255 -1.64 4.29 27.48
N LEU A 256 -2.57 3.81 26.66
CA LEU A 256 -2.50 2.44 26.14
C LEU A 256 -2.29 2.46 24.62
N LEU A 257 -1.33 1.67 24.16
CA LEU A 257 -1.05 1.54 22.74
C LEU A 257 -1.44 0.16 22.24
N ILE A 258 -2.44 0.10 21.36
CA ILE A 258 -2.91 -1.18 20.84
C ILE A 258 -2.43 -1.44 19.42
N GLU A 259 -1.67 -2.52 19.25
CA GLU A 259 -1.11 -2.88 17.95
C GLU A 259 -1.56 -4.29 17.55
N LYS A 260 -2.02 -4.44 16.32
CA LYS A 260 -2.54 -5.72 15.85
C LYS A 260 -1.42 -6.71 15.51
N GLY A 261 -0.22 -6.19 15.30
CA GLY A 261 0.90 -7.02 14.92
C GLY A 261 1.74 -7.48 16.09
N PHE A 262 2.97 -7.89 15.81
CA PHE A 262 3.90 -8.34 16.85
C PHE A 262 5.17 -7.51 16.83
N ALA A 263 6.12 -7.86 17.70
CA ALA A 263 7.38 -7.14 17.78
C ALA A 263 8.18 -7.29 16.48
N SER A 264 8.77 -6.19 16.03
CA SER A 264 9.49 -6.20 14.77
C SER A 264 11.00 -6.12 14.98
N THR A 265 11.50 -4.94 15.34
CA THR A 265 12.92 -4.75 15.54
C THR A 265 13.39 -5.42 16.83
N ALA A 266 14.69 -5.68 16.92
CA ALA A 266 15.25 -6.43 18.04
C ALA A 266 15.11 -5.72 19.38
N ASN A 267 15.07 -4.39 19.35
CA ASN A 267 14.93 -3.61 20.58
C ASN A 267 13.49 -3.54 21.07
N THR A 268 12.57 -4.01 20.25
CA THR A 268 11.16 -4.11 20.64
C THR A 268 10.84 -5.52 21.14
N GLY A 269 11.85 -6.37 21.19
CA GLY A 269 11.67 -7.75 21.62
C GLY A 269 11.62 -8.72 20.44
N GLY A 270 12.05 -8.23 19.28
CA GLY A 270 12.00 -9.01 18.05
C GLY A 270 12.80 -10.30 18.08
N THR A 271 12.36 -11.27 17.28
CA THR A 271 13.01 -12.56 17.16
C THR A 271 13.30 -12.87 15.69
N LEU A 272 12.23 -12.92 14.91
CA LEU A 272 12.28 -13.30 13.50
C LEU A 272 13.34 -12.55 12.69
N GLY A 273 14.13 -13.31 11.94
CA GLY A 273 15.19 -12.77 11.11
C GLY A 273 15.91 -13.89 10.40
N PRO A 274 16.83 -13.55 9.48
CA PRO A 274 17.59 -14.56 8.73
C PRO A 274 18.53 -15.37 9.61
N GLU A 275 19.24 -16.31 8.99
CA GLU A 275 20.01 -17.31 9.72
C GLU A 275 21.33 -16.79 10.27
N TRP A 276 21.95 -15.84 9.57
CA TRP A 276 23.26 -15.34 9.99
C TRP A 276 23.15 -14.20 11.01
N LEU A 277 21.92 -13.84 11.35
CA LEU A 277 21.68 -12.77 12.31
C LEU A 277 21.49 -13.29 13.74
N GLU A 278 21.63 -14.60 13.91
CA GLU A 278 21.45 -15.20 15.23
C GLU A 278 22.61 -14.86 16.17
N GLY A 279 22.27 -14.28 17.32
CA GLY A 279 23.21 -14.07 18.40
C GLY A 279 23.74 -12.67 18.72
N HIS A 280 23.69 -11.73 17.77
CA HIS A 280 24.08 -10.34 18.07
C HIS A 280 22.91 -9.39 18.36
N ASP A 281 21.69 -9.92 18.47
CA ASP A 281 20.48 -9.12 18.62
C ASP A 281 20.17 -8.25 17.38
N LEU A 282 20.17 -8.87 16.21
CA LEU A 282 19.72 -8.20 15.00
C LEU A 282 18.57 -8.97 14.35
N THR A 283 17.48 -8.27 14.02
CA THR A 283 16.36 -8.89 13.34
C THR A 283 16.34 -8.55 11.85
N ARG A 284 15.38 -9.10 11.13
CA ARG A 284 15.28 -8.85 9.69
C ARG A 284 14.93 -7.40 9.39
N PHE A 285 14.26 -6.75 10.34
CA PHE A 285 13.85 -5.37 10.18
C PHE A 285 14.98 -4.38 10.45
N ASP A 286 15.86 -4.74 11.38
CA ASP A 286 16.93 -3.84 11.82
C ASP A 286 18.00 -3.61 10.76
N VAL A 287 18.24 -4.60 9.92
CA VAL A 287 19.29 -4.49 8.90
C VAL A 287 18.76 -3.84 7.63
N PRO A 288 19.35 -2.70 7.24
CA PRO A 288 18.92 -1.92 6.08
C PRO A 288 19.12 -2.67 4.76
N GLY A 289 20.11 -3.55 4.71
CA GLY A 289 20.40 -4.29 3.50
C GLY A 289 19.35 -5.35 3.20
N LEU A 290 18.68 -5.80 4.25
CA LEU A 290 17.67 -6.84 4.13
C LEU A 290 16.25 -6.29 3.98
N CYS A 291 16.14 -4.95 3.90
CA CYS A 291 14.84 -4.29 3.87
C CYS A 291 14.00 -4.66 2.65
N ASN A 292 14.67 -5.08 1.58
CA ASN A 292 13.99 -5.37 0.32
C ASN A 292 13.29 -6.72 0.31
N GLN A 293 13.49 -7.51 1.36
CA GLN A 293 12.94 -8.86 1.44
C GLN A 293 11.44 -8.88 1.70
N ILE A 294 10.88 -7.72 2.07
CA ILE A 294 9.45 -7.65 2.34
C ILE A 294 8.64 -7.86 1.06
N TRP A 295 9.28 -7.64 -0.08
CA TRP A 295 8.62 -7.82 -1.37
C TRP A 295 8.54 -9.30 -1.75
N VAL A 296 9.60 -10.05 -1.45
CA VAL A 296 9.61 -11.48 -1.72
C VAL A 296 9.06 -12.29 -0.55
N ASP A 297 8.93 -11.67 0.62
CA ASP A 297 8.28 -12.34 1.75
C ASP A 297 7.28 -11.39 2.44
N SER A 298 6.00 -11.69 2.29
CA SER A 298 4.94 -10.94 2.98
C SER A 298 4.36 -11.65 4.20
N LYS A 299 4.82 -12.87 4.46
CA LYS A 299 4.16 -13.76 5.43
C LYS A 299 4.13 -13.20 6.85
N GLY A 300 2.92 -13.12 7.41
CA GLY A 300 2.72 -12.68 8.78
C GLY A 300 3.01 -11.20 9.02
N ILE A 301 3.33 -10.48 7.94
CA ILE A 301 3.72 -9.08 8.04
C ILE A 301 2.72 -8.16 7.36
N ALA A 302 2.57 -8.33 6.05
CA ALA A 302 1.65 -7.51 5.26
C ALA A 302 0.20 -7.66 5.74
N CYS A 303 -0.56 -6.58 5.66
CA CYS A 303 -1.97 -6.61 6.03
C CYS A 303 -2.80 -7.40 5.03
N GLU A 304 -3.62 -8.32 5.53
CA GLU A 304 -4.42 -9.18 4.67
C GLU A 304 -5.79 -8.61 4.36
N ASP A 305 -6.16 -7.53 5.04
CA ASP A 305 -7.50 -6.96 4.88
C ASP A 305 -7.52 -5.80 3.88
N THR A 306 -6.36 -5.46 3.33
CA THR A 306 -6.27 -4.38 2.34
C THR A 306 -5.81 -4.91 0.99
N ASP A 307 -6.30 -4.30 -0.09
CA ASP A 307 -5.91 -4.70 -1.43
C ASP A 307 -4.55 -4.12 -1.79
N GLN A 308 -4.08 -3.19 -0.97
CA GLN A 308 -2.76 -2.60 -1.14
C GLN A 308 -1.74 -3.28 -0.23
N MET A 309 -0.53 -2.73 -0.19
CA MET A 309 0.53 -3.29 0.63
C MET A 309 0.84 -2.40 1.83
N ALA A 310 0.60 -2.92 3.03
CA ALA A 310 0.92 -2.20 4.26
C ALA A 310 1.43 -3.13 5.35
N GLY A 311 2.50 -2.74 6.02
CA GLY A 311 3.06 -3.53 7.11
C GLY A 311 2.18 -3.53 8.34
N CYS A 312 1.85 -4.72 8.85
CA CYS A 312 1.02 -4.83 10.04
C CYS A 312 1.83 -5.04 11.33
N VAL A 313 3.15 -5.15 11.21
CA VAL A 313 3.98 -5.36 12.39
C VAL A 313 4.11 -4.07 13.19
N LEU A 314 4.81 -4.13 14.33
CA LEU A 314 5.01 -2.97 15.18
C LEU A 314 5.90 -1.95 14.48
N GLY A 315 5.44 -0.70 14.42
CA GLY A 315 6.15 0.33 13.70
C GLY A 315 5.49 0.64 12.38
N GLY A 316 4.61 -0.27 11.94
CA GLY A 316 3.87 -0.10 10.71
C GLY A 316 4.76 -0.08 9.49
N GLY A 317 4.57 0.93 8.65
CA GLY A 317 5.36 1.09 7.45
C GLY A 317 6.83 1.36 7.75
N THR A 318 7.07 2.07 8.85
CA THR A 318 8.42 2.46 9.24
C THR A 318 9.31 1.24 9.51
N ALA A 319 8.69 0.11 9.80
CA ALA A 319 9.43 -1.12 10.04
C ALA A 319 9.87 -1.79 8.73
N VAL A 320 8.97 -1.81 7.75
CA VAL A 320 9.22 -2.50 6.49
C VAL A 320 9.69 -1.63 5.33
N ASN A 321 9.79 -0.32 5.54
CA ASN A 321 10.12 0.58 4.44
C ASN A 321 11.61 0.78 4.23
N ALA A 322 11.96 1.58 3.23
CA ALA A 322 13.36 1.82 2.87
C ALA A 322 14.06 2.69 3.91
N GLY A 323 13.28 3.46 4.66
CA GLY A 323 13.82 4.29 5.71
C GLY A 323 14.20 5.69 5.28
N LEU A 324 13.63 6.13 4.16
CA LEU A 324 13.93 7.46 3.63
C LEU A 324 13.32 8.56 4.49
N TRP A 325 14.16 9.49 4.94
CA TRP A 325 13.76 10.49 5.92
C TRP A 325 14.21 11.89 5.50
N PHE A 326 13.25 12.79 5.29
CA PHE A 326 13.55 14.12 4.76
C PHE A 326 13.07 15.26 5.67
N LYS A 327 13.83 16.34 5.70
CA LYS A 327 13.39 17.55 6.38
C LYS A 327 12.37 18.27 5.51
N PRO A 328 11.17 18.53 6.05
CA PRO A 328 10.01 19.04 5.31
C PRO A 328 10.24 20.33 4.51
N TYR A 329 9.80 20.31 3.26
CA TYR A 329 9.74 21.51 2.43
C TYR A 329 8.69 22.45 3.01
N SER A 330 9.07 23.71 3.24
CA SER A 330 8.17 24.68 3.85
C SER A 330 6.93 24.95 3.00
N LEU A 331 7.07 24.79 1.69
CA LEU A 331 5.97 25.04 0.76
C LEU A 331 4.85 24.03 0.90
N ASP A 332 5.20 22.81 1.32
CA ASP A 332 4.22 21.74 1.50
C ASP A 332 3.17 22.10 2.55
N TRP A 333 3.62 22.51 3.73
CA TRP A 333 2.74 22.84 4.83
C TRP A 333 1.91 24.09 4.52
N ASP A 334 2.50 25.01 3.77
CA ASP A 334 1.81 26.23 3.36
C ASP A 334 0.70 25.93 2.35
N TYR A 335 1.03 25.08 1.38
CA TYR A 335 0.11 24.78 0.28
C TYR A 335 -1.00 23.79 0.66
N LEU A 336 -0.61 22.69 1.30
CA LEU A 336 -1.54 21.59 1.56
C LEU A 336 -2.45 21.79 2.76
N PHE A 337 -2.03 22.60 3.72
CA PHE A 337 -2.75 22.72 4.98
C PHE A 337 -3.36 24.09 5.22
N PRO A 338 -4.48 24.14 5.95
CA PRO A 338 -5.11 25.40 6.36
C PRO A 338 -4.28 26.15 7.39
N ASP A 339 -4.77 27.29 7.85
CA ASP A 339 -4.05 28.08 8.84
C ASP A 339 -3.97 27.36 10.18
N GLY A 340 -2.79 27.36 10.77
CA GLY A 340 -2.54 26.71 12.04
C GLY A 340 -1.83 25.38 11.86
N TRP A 341 -1.99 24.79 10.68
CA TRP A 341 -1.15 23.66 10.28
C TRP A 341 -0.07 24.07 9.27
N LYS A 342 0.02 25.35 8.95
CA LYS A 342 0.99 25.83 7.97
C LYS A 342 2.42 25.79 8.53
N TYR A 343 3.38 26.21 7.72
CA TYR A 343 4.80 26.03 8.05
C TYR A 343 5.21 26.77 9.32
N ASN A 344 4.83 28.03 9.43
CA ASN A 344 5.16 28.83 10.61
C ASN A 344 4.58 28.21 11.88
N ASP A 345 3.48 27.48 11.72
CA ASP A 345 2.82 26.81 12.84
C ASP A 345 3.50 25.49 13.21
N VAL A 346 3.91 24.72 12.20
CA VAL A 346 4.49 23.41 12.45
C VAL A 346 6.01 23.47 12.63
N GLN A 347 6.57 24.67 12.60
CA GLN A 347 8.01 24.85 12.82
C GLN A 347 8.50 24.28 14.17
N PRO A 348 7.77 24.53 15.27
CA PRO A 348 8.25 23.90 16.51
C PRO A 348 8.12 22.38 16.48
N ALA A 349 7.15 21.87 15.72
CA ALA A 349 6.94 20.44 15.61
C ALA A 349 8.07 19.78 14.85
N ILE A 350 8.61 20.49 13.86
CA ILE A 350 9.72 19.98 13.06
C ILE A 350 10.98 19.86 13.92
N ASN A 351 11.22 20.87 14.74
CA ASN A 351 12.39 20.87 15.62
C ASN A 351 12.36 19.72 16.64
N ARG A 352 11.18 19.47 17.20
CA ARG A 352 11.05 18.39 18.18
C ARG A 352 11.23 17.02 17.54
N ALA A 353 10.76 16.89 16.30
CA ALA A 353 10.81 15.61 15.60
C ALA A 353 12.22 15.28 15.12
N LEU A 354 12.94 16.29 14.64
CA LEU A 354 14.27 16.07 14.08
C LEU A 354 15.34 15.98 15.17
N SER A 355 15.00 16.41 16.37
CA SER A 355 15.92 16.27 17.50
C SER A 355 16.00 14.81 17.90
N ARG A 356 14.89 14.10 17.75
CA ARG A 356 14.84 12.67 18.02
C ARG A 356 15.49 11.88 16.89
N ILE A 357 15.13 12.22 15.65
CA ILE A 357 15.61 11.50 14.48
C ILE A 357 16.19 12.43 13.43
N PRO A 358 17.45 12.87 13.62
CA PRO A 358 18.11 13.66 12.57
C PRO A 358 18.49 12.79 11.38
N GLY A 359 18.42 13.35 10.17
CA GLY A 359 18.69 12.59 8.97
C GLY A 359 20.16 12.24 8.79
N THR A 360 20.42 11.16 8.06
CA THR A 360 21.78 10.78 7.73
C THR A 360 21.88 10.34 6.27
N ASP A 361 22.77 10.99 5.52
CA ASP A 361 22.98 10.64 4.12
C ASP A 361 24.14 9.66 3.99
N ALA A 362 24.73 9.32 5.13
CA ALA A 362 25.78 8.31 5.20
C ALA A 362 25.44 7.31 6.29
N PRO A 363 24.62 6.31 5.96
CA PRO A 363 24.07 5.35 6.93
C PRO A 363 25.13 4.50 7.62
N SER A 364 26.23 4.21 6.92
CA SER A 364 27.33 3.46 7.51
C SER A 364 27.96 4.28 8.63
N THR A 365 28.33 3.59 9.72
CA THR A 365 28.80 4.28 10.92
C THR A 365 30.19 4.89 10.77
N ASP A 366 30.87 4.55 9.69
CA ASP A 366 32.20 5.11 9.45
C ASP A 366 32.10 6.38 8.62
N GLY A 367 30.88 6.75 8.25
CA GLY A 367 30.64 7.97 7.51
C GLY A 367 31.04 7.89 6.05
N LYS A 368 30.98 6.69 5.49
CA LYS A 368 31.37 6.48 4.10
C LYS A 368 30.22 5.89 3.29
N ARG A 369 30.30 6.02 1.97
CA ARG A 369 29.30 5.44 1.08
C ARG A 369 29.93 4.36 0.21
N TYR A 370 29.15 3.33 -0.10
CA TYR A 370 29.67 2.18 -0.83
C TYR A 370 28.91 1.92 -2.13
N TYR A 371 29.64 1.43 -3.12
CA TYR A 371 29.10 1.17 -4.46
C TYR A 371 28.43 2.43 -5.01
N GLN A 372 29.21 3.48 -5.18
CA GLN A 372 28.71 4.76 -5.65
C GLN A 372 28.90 4.93 -7.15
N GLU A 373 29.39 3.89 -7.81
CA GLU A 373 29.62 3.90 -9.26
C GLU A 373 28.37 4.36 -10.03
N GLY A 374 27.21 3.89 -9.58
CA GLY A 374 25.95 4.32 -10.17
C GLY A 374 25.64 5.76 -9.88
N PHE A 375 25.96 6.20 -8.67
CA PHE A 375 25.72 7.57 -8.26
C PHE A 375 26.57 8.55 -9.06
N GLU A 376 27.84 8.22 -9.24
CA GLU A 376 28.79 9.09 -9.93
C GLU A 376 28.39 9.35 -11.38
N VAL A 377 27.75 8.38 -12.01
CA VAL A 377 27.32 8.51 -13.39
C VAL A 377 26.22 9.56 -13.53
N LEU A 378 25.20 9.47 -12.69
CA LEU A 378 24.06 10.38 -12.75
C LEU A 378 24.37 11.76 -12.16
N SER A 379 25.10 11.78 -11.05
CA SER A 379 25.43 13.03 -10.37
C SER A 379 26.14 14.01 -11.30
N LYS A 380 27.33 13.63 -11.76
CA LYS A 380 28.12 14.47 -12.65
C LYS A 380 27.38 14.73 -13.96
N GLY A 381 26.51 13.80 -14.34
CA GLY A 381 25.70 13.96 -15.53
C GLY A 381 24.64 15.03 -15.35
N LEU A 382 24.02 15.04 -14.17
CA LEU A 382 23.02 16.05 -13.84
C LEU A 382 23.66 17.40 -13.55
N ALA A 383 24.89 17.35 -13.05
CA ALA A 383 25.64 18.57 -12.76
C ALA A 383 25.94 19.30 -14.07
N ALA A 384 26.24 18.53 -15.11
CA ALA A 384 26.49 19.09 -16.44
C ALA A 384 25.16 19.36 -17.14
N GLY A 385 24.08 18.81 -16.59
CA GLY A 385 22.75 19.04 -17.13
C GLY A 385 22.18 20.37 -16.67
N GLY A 386 22.87 21.02 -15.74
CA GLY A 386 22.45 22.31 -15.24
C GLY A 386 21.76 22.24 -13.90
N TRP A 387 21.78 21.05 -13.28
CA TRP A 387 21.12 20.85 -11.99
C TRP A 387 22.14 20.97 -10.86
N THR A 388 21.77 21.70 -9.81
CA THR A 388 22.69 22.00 -8.71
C THR A 388 22.69 20.90 -7.66
N SER A 389 23.88 20.60 -7.12
CA SER A 389 24.00 19.61 -6.06
C SER A 389 23.82 20.25 -4.68
N VAL A 390 23.04 19.59 -3.83
CA VAL A 390 22.82 20.07 -2.47
C VAL A 390 22.85 18.92 -1.47
N THR A 391 22.89 19.26 -0.19
CA THR A 391 22.59 18.30 0.86
C THR A 391 21.09 18.35 1.11
N ALA A 392 20.44 17.19 1.08
CA ALA A 392 18.99 17.11 1.11
C ALA A 392 18.34 17.85 2.28
N ASN A 393 18.82 17.58 3.49
CA ASN A 393 18.22 18.16 4.70
C ASN A 393 18.86 19.49 5.09
N ASN A 394 19.94 19.86 4.43
CA ASN A 394 20.55 21.18 4.64
C ASN A 394 19.89 22.23 3.75
N ALA A 395 19.16 21.78 2.75
CA ALA A 395 18.43 22.70 1.88
C ALA A 395 17.08 22.12 1.47
N PRO A 396 16.15 22.04 2.44
CA PRO A 396 14.84 21.44 2.17
C PRO A 396 13.99 22.31 1.25
N ASP A 397 14.34 23.59 1.13
CA ASP A 397 13.53 24.54 0.39
C ASP A 397 13.95 24.72 -1.07
N LYS A 398 15.02 24.05 -1.50
CA LYS A 398 15.30 24.04 -2.92
C LYS A 398 14.90 22.68 -3.49
N LYS A 399 13.71 22.63 -4.09
CA LYS A 399 13.22 21.44 -4.76
C LYS A 399 13.23 21.52 -6.30
N ASN A 400 13.70 22.64 -6.84
CA ASN A 400 13.64 22.79 -8.29
C ASN A 400 15.00 22.68 -8.97
N ARG A 401 15.12 21.72 -9.88
CA ARG A 401 16.33 21.52 -10.67
C ARG A 401 17.55 21.33 -9.77
N THR A 402 17.63 20.16 -9.15
CA THR A 402 18.57 19.93 -8.06
C THR A 402 18.56 18.46 -7.65
N PHE A 403 19.63 17.98 -7.04
CA PHE A 403 19.74 16.58 -6.62
C PHE A 403 20.55 16.45 -5.35
N ALA A 404 20.70 15.23 -4.85
CA ALA A 404 21.34 14.97 -3.57
C ALA A 404 21.46 13.48 -3.26
N HIS A 405 22.21 13.16 -2.21
CA HIS A 405 22.24 11.80 -1.67
C HIS A 405 20.95 11.51 -0.93
N ALA A 406 20.65 10.22 -0.75
CA ALA A 406 19.43 9.81 -0.06
C ALA A 406 19.63 9.86 1.47
N PRO A 407 18.87 10.73 2.14
CA PRO A 407 18.86 10.79 3.61
C PRO A 407 18.03 9.65 4.21
N PHE A 408 18.43 9.16 5.38
CA PHE A 408 17.72 8.07 6.01
C PHE A 408 17.44 8.33 7.48
N MET A 409 16.50 7.58 8.04
CA MET A 409 16.15 7.70 9.44
C MET A 409 17.04 6.79 10.28
N PHE A 410 18.00 6.15 9.61
CA PHE A 410 18.91 5.20 10.23
C PHE A 410 19.85 5.85 11.24
N ALA A 411 20.45 5.02 12.07
CA ALA A 411 21.51 5.41 13.00
C ALA A 411 22.03 4.16 13.68
N GLY A 412 23.24 4.25 14.23
CA GLY A 412 23.91 3.08 14.76
C GLY A 412 24.19 2.03 13.69
N GLY A 413 24.00 2.40 12.42
CA GLY A 413 24.16 1.49 11.32
C GLY A 413 22.96 0.56 11.13
N GLU A 414 21.92 0.80 11.91
CA GLU A 414 20.73 -0.05 11.89
C GLU A 414 19.49 0.78 11.60
N ARG A 415 18.38 0.11 11.26
CA ARG A 415 17.10 0.79 11.16
C ARG A 415 16.76 1.40 12.51
N ASN A 416 16.49 2.70 12.52
CA ASN A 416 16.24 3.40 13.77
C ASN A 416 14.78 3.83 13.88
N GLY A 417 14.43 4.90 13.16
CA GLY A 417 13.06 5.36 13.08
C GLY A 417 12.44 5.72 14.42
N PRO A 418 11.10 5.75 14.47
CA PRO A 418 10.33 5.97 15.71
C PRO A 418 10.44 4.79 16.67
N LEU A 419 10.87 3.63 16.16
CA LEU A 419 11.00 2.43 16.99
C LEU A 419 12.19 2.53 17.95
N GLY A 420 13.24 3.22 17.52
CA GLY A 420 14.46 3.30 18.30
C GLY A 420 14.61 4.58 19.09
N THR A 421 13.65 5.49 18.95
CA THR A 421 13.71 6.76 19.65
C THR A 421 12.44 7.04 20.44
N TYR A 422 11.32 7.21 19.73
CA TYR A 422 10.05 7.53 20.37
C TYR A 422 9.51 6.36 21.20
N PHE A 423 9.66 5.15 20.68
CA PHE A 423 9.11 3.96 21.35
C PHE A 423 9.95 3.53 22.55
N GLN A 424 11.25 3.78 22.49
CA GLN A 424 12.16 3.35 23.53
C GLN A 424 11.94 4.14 24.83
N THR A 425 11.78 5.45 24.70
CA THR A 425 11.51 6.29 25.85
C THR A 425 10.10 6.01 26.40
N ALA A 426 9.22 5.52 25.53
CA ALA A 426 7.86 5.23 25.92
C ALA A 426 7.79 3.94 26.74
N LYS A 427 8.54 2.93 26.33
CA LYS A 427 8.48 1.63 26.99
C LYS A 427 9.01 1.66 28.42
N LYS A 428 9.74 2.70 28.77
CA LYS A 428 10.40 2.76 30.06
C LYS A 428 9.59 3.51 31.12
N ARG A 429 8.43 4.04 30.75
CA ARG A 429 7.61 4.77 31.72
C ARG A 429 6.65 3.83 32.44
N ASN A 430 5.97 4.37 33.45
CA ASN A 430 4.95 3.62 34.19
C ASN A 430 3.58 3.67 33.52
N ASN A 431 3.22 4.85 33.03
CA ASN A 431 1.87 5.11 32.53
C ASN A 431 1.69 4.66 31.09
N PHE A 432 2.74 4.11 30.49
CA PHE A 432 2.69 3.62 29.12
C PHE A 432 2.55 2.11 29.08
N ASP A 433 1.67 1.60 28.21
CA ASP A 433 1.43 0.17 28.08
C ASP A 433 1.17 -0.23 26.63
N VAL A 434 1.61 -1.43 26.26
CA VAL A 434 1.45 -1.93 24.90
C VAL A 434 0.73 -3.27 24.85
N TRP A 435 -0.28 -3.37 24.00
CA TRP A 435 -0.94 -4.64 23.75
C TRP A 435 -0.71 -5.07 22.30
N LEU A 436 0.08 -6.11 22.12
CA LEU A 436 0.35 -6.60 20.77
C LEU A 436 -0.64 -7.70 20.41
N ASN A 437 -0.56 -8.17 19.16
CA ASN A 437 -1.44 -9.22 18.65
C ASN A 437 -2.92 -8.93 18.90
N THR A 438 -3.28 -7.66 18.87
CA THR A 438 -4.65 -7.25 19.21
C THR A 438 -5.22 -6.25 18.23
N SER A 439 -6.31 -6.62 17.57
CA SER A 439 -6.94 -5.74 16.59
C SER A 439 -8.18 -5.07 17.18
N VAL A 440 -8.42 -3.82 16.79
CA VAL A 440 -9.58 -3.08 17.25
C VAL A 440 -10.70 -3.13 16.23
N LYS A 441 -11.82 -3.73 16.61
CA LYS A 441 -12.97 -3.85 15.72
C LYS A 441 -13.65 -2.50 15.51
N ARG A 442 -13.89 -1.79 16.61
CA ARG A 442 -14.57 -0.50 16.55
C ARG A 442 -14.35 0.30 17.83
N VAL A 443 -14.91 1.51 17.85
CA VAL A 443 -15.07 2.25 19.09
C VAL A 443 -16.56 2.25 19.45
N ILE A 444 -16.90 1.90 20.68
CA ILE A 444 -18.29 1.96 21.10
C ILE A 444 -18.56 3.33 21.70
N ARG A 445 -19.72 3.89 21.38
CA ARG A 445 -20.01 5.27 21.73
C ARG A 445 -21.48 5.50 22.00
N GLU A 446 -21.76 6.42 22.92
CA GLU A 446 -23.12 6.89 23.16
C GLU A 446 -23.24 8.30 22.59
N GLY A 447 -23.97 8.42 21.49
CA GLY A 447 -24.04 9.70 20.79
C GLY A 447 -22.69 10.06 20.19
N GLY A 448 -22.21 11.24 20.53
CA GLY A 448 -20.93 11.72 20.02
C GLY A 448 -19.80 11.61 21.03
N HIS A 449 -19.99 10.73 22.01
CA HIS A 449 -18.97 10.52 23.03
C HIS A 449 -18.55 9.05 23.08
N ILE A 450 -17.26 8.81 22.89
CA ILE A 450 -16.73 7.45 22.89
C ILE A 450 -16.40 7.01 24.32
N THR A 451 -16.93 5.84 24.70
CA THR A 451 -16.69 5.28 26.03
C THR A 451 -15.44 4.40 26.02
N GLY A 452 -15.46 3.35 25.23
CA GLY A 452 -14.33 2.43 25.14
C GLY A 452 -14.19 1.86 23.74
N VAL A 453 -13.12 1.11 23.51
CA VAL A 453 -12.90 0.48 22.22
C VAL A 453 -13.05 -1.04 22.33
N GLU A 454 -13.52 -1.65 21.25
CA GLU A 454 -13.78 -3.08 21.24
C GLU A 454 -12.67 -3.84 20.52
N VAL A 455 -12.00 -4.73 21.23
CA VAL A 455 -10.85 -5.45 20.68
C VAL A 455 -11.07 -6.95 20.56
N GLU A 456 -10.45 -7.53 19.55
CA GLU A 456 -10.42 -8.98 19.38
C GLU A 456 -9.00 -9.40 19.00
N PRO A 457 -8.57 -10.58 19.47
CA PRO A 457 -7.18 -11.00 19.23
C PRO A 457 -6.90 -11.28 17.74
N PHE A 458 -5.83 -10.70 17.22
CA PHE A 458 -5.37 -10.99 15.88
C PHE A 458 -4.50 -12.24 15.88
N ARG A 459 -3.97 -12.55 17.06
CA ARG A 459 -3.14 -13.74 17.28
C ARG A 459 -3.27 -14.21 18.72
N ASP A 460 -2.47 -15.22 19.08
CA ASP A 460 -2.46 -15.70 20.46
C ASP A 460 -1.78 -14.68 21.36
N GLY A 461 -2.40 -14.42 22.51
CA GLY A 461 -1.88 -13.42 23.43
C GLY A 461 -2.56 -12.08 23.23
N GLY A 462 -3.58 -12.07 22.39
CA GLY A 462 -4.35 -10.87 22.13
C GLY A 462 -5.43 -10.68 23.16
N TYR A 463 -6.04 -9.50 23.16
CA TYR A 463 -7.07 -9.17 24.15
C TYR A 463 -8.47 -9.22 23.54
N GLU A 464 -9.42 -9.70 24.33
CA GLU A 464 -10.80 -9.80 23.89
C GLU A 464 -11.73 -9.12 24.89
N GLY A 465 -12.38 -8.05 24.44
CA GLY A 465 -13.31 -7.33 25.30
C GLY A 465 -13.40 -5.86 24.99
N ILE A 466 -13.87 -5.09 25.96
CA ILE A 466 -14.00 -3.65 25.81
C ILE A 466 -13.18 -2.91 26.86
N VAL A 467 -12.26 -2.05 26.41
CA VAL A 467 -11.42 -1.33 27.35
C VAL A 467 -11.81 0.15 27.39
N PRO A 468 -12.36 0.58 28.53
CA PRO A 468 -12.89 1.93 28.71
C PRO A 468 -11.82 3.00 28.88
N VAL A 469 -12.09 4.18 28.33
CA VAL A 469 -11.31 5.37 28.64
C VAL A 469 -11.73 5.92 30.00
N THR A 470 -10.88 6.74 30.61
CA THR A 470 -11.24 7.43 31.84
C THR A 470 -12.53 8.22 31.63
N LYS A 471 -13.36 8.28 32.65
CA LYS A 471 -14.68 8.77 32.40
C LYS A 471 -14.70 10.20 31.96
N VAL A 472 -15.49 10.48 30.96
CA VAL A 472 -15.69 11.83 30.49
C VAL A 472 -14.50 12.40 29.79
N THR A 473 -13.40 12.51 30.50
CA THR A 473 -12.18 13.05 29.92
C THR A 473 -11.50 12.20 28.87
N GLY A 474 -11.48 10.90 29.05
CA GLY A 474 -10.78 10.02 28.15
C GLY A 474 -10.93 10.27 26.66
N ARG A 475 -9.82 10.16 25.96
CA ARG A 475 -9.79 10.37 24.52
C ARG A 475 -9.25 9.15 23.79
N VAL A 476 -9.72 8.93 22.57
CA VAL A 476 -9.22 7.85 21.74
C VAL A 476 -8.60 8.43 20.47
N ILE A 477 -7.39 7.98 20.16
CA ILE A 477 -6.71 8.41 18.96
C ILE A 477 -6.61 7.27 17.95
N LEU A 478 -6.97 7.53 16.71
CA LEU A 478 -6.84 6.49 15.69
C LEU A 478 -5.59 6.72 14.86
N SER A 479 -4.58 5.90 15.11
CA SER A 479 -3.34 5.90 14.37
C SER A 479 -3.28 4.78 13.33
N ALA A 480 -4.40 4.07 13.19
CA ALA A 480 -4.45 2.82 12.43
C ALA A 480 -4.00 2.94 10.98
N GLY A 481 -3.91 4.17 10.49
CA GLY A 481 -3.41 4.42 9.15
C GLY A 481 -4.47 4.82 8.17
N THR A 482 -4.03 5.09 6.94
CA THR A 482 -4.89 5.55 5.86
C THR A 482 -6.07 4.61 5.64
N PHE A 483 -5.78 3.33 5.41
CA PHE A 483 -6.83 2.34 5.24
C PHE A 483 -7.37 1.85 6.59
N GLY A 484 -6.50 1.80 7.58
CA GLY A 484 -6.86 1.28 8.89
C GLY A 484 -7.88 2.10 9.64
N SER A 485 -7.61 3.40 9.78
CA SER A 485 -8.47 4.29 10.55
C SER A 485 -9.84 4.47 9.90
N ALA A 486 -9.87 4.43 8.57
CA ALA A 486 -11.12 4.56 7.83
C ALA A 486 -12.03 3.36 8.07
N LYS A 487 -11.43 2.18 8.18
CA LYS A 487 -12.18 0.96 8.42
C LYS A 487 -12.79 0.93 9.82
N ILE A 488 -12.05 1.50 10.78
CA ILE A 488 -12.52 1.57 12.16
C ILE A 488 -13.69 2.53 12.28
N LEU A 489 -13.58 3.68 11.63
CA LEU A 489 -14.64 4.69 11.66
C LEU A 489 -15.92 4.15 11.02
N LEU A 490 -15.77 3.42 9.92
CA LEU A 490 -16.91 2.87 9.20
C LEU A 490 -17.64 1.80 10.02
N ARG A 491 -16.91 1.06 10.82
CA ARG A 491 -17.53 0.04 11.67
C ARG A 491 -18.03 0.67 12.97
N SER A 492 -17.67 1.93 13.17
CA SER A 492 -18.11 2.68 14.34
C SER A 492 -19.36 3.50 14.02
N GLY A 493 -19.80 3.42 12.77
CA GLY A 493 -20.98 4.14 12.32
C GLY A 493 -20.66 5.52 11.78
N ILE A 494 -19.40 5.75 11.45
CA ILE A 494 -18.96 7.05 10.93
C ILE A 494 -18.42 6.91 9.52
N GLY A 495 -19.02 7.64 8.59
CA GLY A 495 -18.60 7.60 7.20
C GLY A 495 -19.76 7.88 6.25
N PRO A 496 -19.53 7.69 4.94
CA PRO A 496 -20.57 7.88 3.92
C PRO A 496 -21.70 6.88 4.07
N GLU A 497 -22.88 7.23 3.55
CA GLU A 497 -24.06 6.39 3.72
C GLU A 497 -23.92 5.03 3.06
N ASP A 498 -23.46 5.02 1.81
CA ASP A 498 -23.33 3.78 1.04
C ASP A 498 -22.38 2.78 1.71
N GLN A 499 -21.32 3.28 2.32
CA GLN A 499 -20.33 2.41 2.97
C GLN A 499 -20.82 1.93 4.33
N LEU A 500 -21.56 2.78 5.02
CA LEU A 500 -22.13 2.42 6.32
C LEU A 500 -23.20 1.33 6.17
N GLU A 501 -23.87 1.32 5.02
CA GLU A 501 -24.89 0.31 4.76
C GLU A 501 -24.24 -1.03 4.36
N VAL A 502 -23.02 -0.95 3.84
CA VAL A 502 -22.25 -2.15 3.53
C VAL A 502 -21.87 -2.88 4.81
N VAL A 503 -21.44 -2.10 5.80
CA VAL A 503 -21.08 -2.65 7.11
C VAL A 503 -22.31 -3.26 7.78
N ALA A 504 -23.48 -2.69 7.52
CA ALA A 504 -24.72 -3.16 8.11
C ALA A 504 -25.15 -4.50 7.53
N ALA A 505 -24.90 -4.70 6.24
CA ALA A 505 -25.30 -5.92 5.56
C ALA A 505 -24.21 -6.99 5.63
N SER A 506 -23.11 -6.67 6.30
CA SER A 506 -22.02 -7.62 6.47
C SER A 506 -22.40 -8.70 7.47
N GLU A 507 -21.73 -9.85 7.39
CA GLU A 507 -21.97 -10.93 8.34
C GLU A 507 -21.23 -10.66 9.65
N LYS A 508 -20.00 -10.18 9.57
CA LYS A 508 -19.17 -9.96 10.75
C LYS A 508 -19.74 -8.91 11.70
N ASP A 509 -19.90 -7.69 11.21
CA ASP A 509 -20.35 -6.58 12.04
C ASP A 509 -21.84 -6.28 11.94
N GLY A 510 -22.54 -7.05 11.12
CA GLY A 510 -23.94 -6.75 10.81
C GLY A 510 -24.91 -6.67 11.98
N PRO A 511 -25.04 -7.76 12.77
CA PRO A 511 -25.99 -7.73 13.89
C PRO A 511 -25.55 -6.80 15.03
N THR A 512 -24.24 -6.60 15.17
CA THR A 512 -23.71 -5.86 16.31
C THR A 512 -23.46 -4.39 16.05
N MET A 513 -23.82 -3.91 14.86
CA MET A 513 -23.55 -2.52 14.50
C MET A 513 -24.46 -1.54 15.25
N ILE A 514 -24.00 -0.31 15.39
CA ILE A 514 -24.72 0.74 16.10
C ILE A 514 -25.97 1.15 15.34
N GLY A 515 -26.90 1.78 16.05
CA GLY A 515 -28.16 2.24 15.47
C GLY A 515 -28.00 3.33 14.43
N ASN A 516 -28.92 3.35 13.48
CA ASN A 516 -28.92 4.31 12.38
C ASN A 516 -28.99 5.77 12.83
N SER A 517 -29.76 6.02 13.89
CA SER A 517 -29.94 7.37 14.40
C SER A 517 -28.64 7.96 14.93
N SER A 518 -27.68 7.10 15.24
CA SER A 518 -26.39 7.53 15.77
C SER A 518 -25.32 7.67 14.69
N TRP A 519 -25.68 7.34 13.45
CA TRP A 519 -24.73 7.42 12.34
C TRP A 519 -24.33 8.84 12.02
N ILE A 520 -23.02 9.08 11.93
CA ILE A 520 -22.50 10.37 11.50
C ILE A 520 -22.04 10.25 10.05
N ASN A 521 -22.45 11.21 9.22
CA ASN A 521 -22.07 11.16 7.81
C ASN A 521 -20.90 12.08 7.50
N LEU A 522 -19.76 11.46 7.18
CA LEU A 522 -18.55 12.19 6.82
C LEU A 522 -17.93 11.53 5.60
N PRO A 523 -17.27 12.32 4.74
CA PRO A 523 -16.68 11.79 3.51
C PRO A 523 -15.48 10.88 3.76
N VAL A 524 -15.67 9.80 4.51
CA VAL A 524 -14.60 8.87 4.80
C VAL A 524 -14.33 7.95 3.61
N GLY A 525 -13.08 7.92 3.16
CA GLY A 525 -12.71 7.13 2.01
C GLY A 525 -12.48 7.99 0.79
N TYR A 526 -13.00 9.22 0.82
CA TYR A 526 -12.77 10.17 -0.27
C TYR A 526 -11.41 10.82 -0.09
N ASN A 527 -11.06 11.69 -1.04
CA ASN A 527 -9.77 12.37 -1.04
C ASN A 527 -8.60 11.39 -0.94
N LEU A 528 -8.71 10.27 -1.63
CA LEU A 528 -7.64 9.29 -1.65
C LEU A 528 -6.54 9.72 -2.61
N ASP A 529 -5.33 9.89 -2.09
CA ASP A 529 -4.22 10.39 -2.89
C ASP A 529 -2.98 9.54 -2.69
N ASP A 530 -1.99 9.75 -3.55
CA ASP A 530 -0.76 8.98 -3.58
C ASP A 530 0.17 9.56 -4.63
N HIS A 531 1.46 9.26 -4.52
CA HIS A 531 2.41 9.66 -5.55
C HIS A 531 2.23 8.75 -6.77
N LEU A 532 2.04 9.36 -7.93
CA LEU A 532 1.98 8.58 -9.16
C LEU A 532 3.39 8.16 -9.53
N ASN A 533 3.59 6.85 -9.64
CA ASN A 533 4.92 6.31 -9.92
C ASN A 533 5.09 5.95 -11.40
N THR A 534 6.15 6.47 -12.01
CA THR A 534 6.50 6.10 -13.38
C THR A 534 7.97 5.69 -13.43
N ASP A 535 8.21 4.41 -13.72
CA ASP A 535 9.58 3.88 -13.80
C ASP A 535 10.25 4.20 -15.12
N THR A 536 11.58 4.33 -15.08
CA THR A 536 12.39 4.44 -16.29
C THR A 536 13.70 3.70 -16.03
N VAL A 537 14.35 3.25 -17.11
CA VAL A 537 15.56 2.45 -16.99
C VAL A 537 16.67 2.98 -17.89
N ILE A 538 17.88 3.08 -17.34
CA ILE A 538 19.06 3.45 -18.11
C ILE A 538 20.12 2.38 -17.95
N SER A 539 21.09 2.36 -18.85
CA SER A 539 22.17 1.38 -18.79
C SER A 539 23.52 2.05 -19.02
N HIS A 540 24.46 1.83 -18.12
CA HIS A 540 25.79 2.41 -18.23
C HIS A 540 26.87 1.38 -17.87
N PRO A 541 27.99 1.40 -18.59
CA PRO A 541 29.09 0.45 -18.38
C PRO A 541 29.73 0.55 -16.99
N ASP A 542 29.75 1.75 -16.41
CA ASP A 542 30.43 1.96 -15.13
C ASP A 542 29.56 1.59 -13.93
N VAL A 543 28.27 1.37 -14.17
CA VAL A 543 27.35 1.04 -13.09
C VAL A 543 27.61 -0.35 -12.52
N VAL A 544 27.77 -0.43 -11.21
CA VAL A 544 28.02 -1.71 -10.54
C VAL A 544 26.81 -2.17 -9.74
N PHE A 545 26.30 -3.36 -10.07
CA PHE A 545 25.16 -3.92 -9.36
C PHE A 545 25.59 -4.69 -8.13
N TYR A 546 24.83 -4.56 -7.06
CA TYR A 546 25.04 -5.36 -5.86
C TYR A 546 23.77 -6.12 -5.51
N ASP A 547 23.93 -7.39 -5.17
CA ASP A 547 22.78 -8.24 -4.86
C ASP A 547 22.49 -8.26 -3.37
N PHE A 548 21.36 -7.67 -2.98
CA PHE A 548 20.95 -7.69 -1.58
C PHE A 548 20.03 -8.88 -1.29
N TYR A 549 19.59 -9.57 -2.34
CA TYR A 549 18.67 -10.68 -2.17
C TYR A 549 19.39 -11.95 -1.73
N GLU A 550 20.58 -12.17 -2.27
CA GLU A 550 21.38 -13.32 -1.87
C GLU A 550 22.06 -13.06 -0.53
N ALA A 551 21.98 -11.81 -0.08
CA ALA A 551 22.57 -11.41 1.19
C ALA A 551 21.74 -11.93 2.36
N TRP A 552 20.49 -12.28 2.10
CA TRP A 552 19.61 -12.79 3.14
C TRP A 552 20.06 -14.15 3.66
N ASP A 553 20.16 -15.12 2.75
CA ASP A 553 20.62 -16.46 3.11
C ASP A 553 22.15 -16.58 3.17
N ASP A 554 22.82 -16.00 2.19
CA ASP A 554 24.26 -16.17 2.04
C ASP A 554 24.97 -14.85 1.75
N PRO A 555 25.18 -14.04 2.81
CA PRO A 555 25.84 -12.74 2.65
C PRO A 555 27.30 -12.87 2.28
N ILE A 556 27.83 -11.88 1.56
CA ILE A 556 29.24 -11.87 1.17
C ILE A 556 30.12 -11.85 2.41
N GLU A 557 31.17 -12.67 2.39
CA GLU A 557 32.05 -12.86 3.54
C GLU A 557 32.57 -11.55 4.14
N SER A 558 33.16 -10.70 3.30
CA SER A 558 33.64 -9.39 3.73
C SER A 558 32.54 -8.53 4.34
N ASP A 559 31.56 -8.18 3.51
CA ASP A 559 30.47 -7.28 3.89
C ASP A 559 29.70 -7.76 5.12
N LYS A 560 29.59 -9.07 5.29
CA LYS A 560 28.91 -9.64 6.45
C LYS A 560 29.64 -9.29 7.74
N ASN A 561 30.93 -9.57 7.78
CA ASN A 561 31.75 -9.26 8.95
C ASN A 561 31.88 -7.76 9.16
N SER A 562 31.73 -6.99 8.09
CA SER A 562 31.81 -5.54 8.19
C SER A 562 30.62 -4.99 8.99
N TYR A 563 29.44 -5.55 8.74
CA TYR A 563 28.23 -5.10 9.43
C TYR A 563 28.12 -5.68 10.84
N LEU A 564 28.47 -6.96 10.98
CA LEU A 564 28.32 -7.64 12.27
C LEU A 564 29.31 -7.13 13.32
N GLU A 565 30.42 -6.56 12.88
CA GLU A 565 31.43 -6.06 13.81
C GLU A 565 31.32 -4.55 14.00
N SER A 566 31.66 -3.79 12.98
CA SER A 566 31.73 -2.34 13.07
C SER A 566 30.46 -1.63 12.58
N ARG A 567 29.46 -2.41 12.18
CA ARG A 567 28.21 -1.87 11.62
C ARG A 567 28.49 -0.98 10.41
N THR A 568 29.36 -1.44 9.53
CA THR A 568 29.75 -0.69 8.34
C THR A 568 29.62 -1.53 7.09
N GLY A 569 29.69 -0.89 5.94
CA GLY A 569 29.64 -1.60 4.67
C GLY A 569 28.34 -1.41 3.90
N ILE A 570 28.24 -2.14 2.78
CA ILE A 570 27.12 -1.98 1.85
C ILE A 570 25.80 -2.48 2.46
N LEU A 571 25.89 -3.32 3.48
CA LEU A 571 24.69 -3.86 4.12
C LEU A 571 24.13 -2.88 5.14
N ALA A 572 24.82 -1.77 5.33
CA ALA A 572 24.34 -0.69 6.19
C ALA A 572 23.51 0.29 5.40
N GLN A 573 23.30 -0.02 4.12
CA GLN A 573 22.54 0.84 3.22
C GLN A 573 21.26 0.13 2.76
N ALA A 574 20.26 0.92 2.39
CA ALA A 574 18.97 0.38 1.97
C ALA A 574 19.10 -0.41 0.66
N ALA A 575 18.13 -1.27 0.39
CA ALA A 575 18.20 -2.11 -0.80
C ALA A 575 17.05 -1.82 -1.77
N PRO A 576 17.36 -1.81 -3.08
CA PRO A 576 18.72 -1.89 -3.62
C PRO A 576 19.47 -0.58 -3.35
N ASN A 577 20.72 -0.48 -3.77
CA ASN A 577 21.49 0.72 -3.50
C ASN A 577 20.77 1.93 -4.09
N ILE A 578 20.46 2.90 -3.24
CA ILE A 578 19.61 4.02 -3.66
C ILE A 578 20.46 5.19 -4.13
N GLY A 579 20.38 5.47 -5.42
CA GLY A 579 21.20 6.50 -6.04
C GLY A 579 20.69 7.90 -5.76
N PRO A 580 21.11 8.86 -6.60
CA PRO A 580 20.79 10.28 -6.43
C PRO A 580 19.30 10.56 -6.52
N MET A 581 18.80 11.38 -5.59
CA MET A 581 17.42 11.83 -5.63
C MET A 581 17.33 13.27 -6.10
N PHE A 582 16.65 13.48 -7.22
CA PHE A 582 16.55 14.82 -7.78
C PHE A 582 15.10 15.26 -7.93
N TRP A 583 14.88 16.55 -7.78
CA TRP A 583 13.55 17.14 -7.86
C TRP A 583 13.49 18.28 -8.85
N GLU A 584 12.30 18.52 -9.41
CA GLU A 584 12.05 19.70 -10.22
C GLU A 584 10.58 20.11 -10.11
N GLU A 585 10.33 21.42 -10.11
CA GLU A 585 8.98 21.94 -10.00
C GLU A 585 8.46 22.44 -11.34
N ILE A 586 7.33 21.88 -11.78
CA ILE A 586 6.81 22.16 -13.11
C ILE A 586 5.52 22.97 -13.07
N VAL A 587 5.52 24.08 -13.79
CA VAL A 587 4.33 24.94 -13.88
C VAL A 587 3.40 24.45 -14.98
N GLY A 588 2.16 24.14 -14.61
CA GLY A 588 1.16 23.68 -15.56
C GLY A 588 0.49 24.85 -16.27
N ALA A 589 -0.38 24.52 -17.22
CA ALA A 589 -1.12 25.54 -17.96
C ALA A 589 -2.22 26.15 -17.12
N ASP A 590 -2.58 25.46 -16.04
CA ASP A 590 -3.61 25.92 -15.13
C ASP A 590 -3.02 26.85 -14.07
N GLY A 591 -1.71 27.07 -14.15
CA GLY A 591 -1.02 27.94 -13.21
C GLY A 591 -0.56 27.20 -11.96
N ILE A 592 -0.97 25.94 -11.86
CA ILE A 592 -0.64 25.13 -10.70
C ILE A 592 0.75 24.50 -10.82
N VAL A 593 1.58 24.72 -9.82
CA VAL A 593 2.90 24.11 -9.78
C VAL A 593 2.81 22.68 -9.26
N ARG A 594 3.26 21.73 -10.08
CA ARG A 594 3.28 20.33 -9.67
C ARG A 594 4.71 19.88 -9.40
N GLN A 595 4.87 19.06 -8.37
CA GLN A 595 6.20 18.64 -7.93
C GLN A 595 6.54 17.23 -8.37
N LEU A 596 7.69 17.07 -9.02
CA LEU A 596 8.19 15.77 -9.40
C LEU A 596 9.39 15.38 -8.57
N GLN A 597 9.43 14.12 -8.14
CA GLN A 597 10.61 13.60 -7.47
C GLN A 597 11.08 12.30 -8.10
N TRP A 598 12.31 12.29 -8.58
CA TRP A 598 12.92 11.09 -9.11
C TRP A 598 13.72 10.37 -8.05
N THR A 599 13.61 9.04 -8.03
CA THR A 599 14.41 8.22 -7.14
C THR A 599 15.22 7.22 -7.96
N ALA A 600 16.54 7.36 -7.92
CA ALA A 600 17.43 6.46 -8.64
C ALA A 600 17.88 5.31 -7.75
N ARG A 601 17.92 4.13 -8.32
CA ARG A 601 18.37 2.93 -7.61
C ARG A 601 19.03 2.00 -8.60
N VAL A 602 19.86 1.06 -8.13
CA VAL A 602 20.47 0.14 -9.07
C VAL A 602 19.72 -1.18 -9.03
N GLU A 603 18.87 -1.38 -10.03
CA GLU A 603 18.10 -2.61 -10.17
C GLU A 603 17.53 -2.73 -11.58
N GLY A 604 17.12 -3.94 -11.97
CA GLY A 604 16.27 -4.11 -13.13
C GLY A 604 14.82 -3.91 -12.70
N SER A 605 14.00 -3.36 -13.58
CA SER A 605 12.61 -3.07 -13.20
C SER A 605 11.59 -3.63 -14.19
N LEU A 606 11.65 -3.11 -15.41
CA LEU A 606 10.63 -3.35 -16.42
C LEU A 606 10.92 -4.60 -17.27
N GLY A 607 11.91 -5.37 -16.84
CA GLY A 607 12.40 -6.47 -17.66
C GLY A 607 13.75 -6.17 -18.26
N ALA A 608 14.39 -5.13 -17.75
CA ALA A 608 15.80 -4.87 -18.04
C ALA A 608 16.67 -5.67 -17.09
N PRO A 609 17.78 -6.24 -17.59
CA PRO A 609 18.72 -7.03 -16.78
C PRO A 609 19.28 -6.22 -15.62
N ASN A 610 19.71 -6.91 -14.57
CA ASN A 610 20.09 -6.26 -13.32
C ASN A 610 21.45 -5.59 -13.30
N GLY A 611 22.45 -6.20 -13.94
CA GLY A 611 23.83 -5.81 -13.75
C GLY A 611 24.25 -4.39 -14.08
N HIS A 612 24.05 -3.97 -15.32
CA HIS A 612 24.51 -2.65 -15.75
C HIS A 612 23.43 -1.58 -15.77
N THR A 613 22.22 -1.93 -15.33
CA THR A 613 21.08 -1.03 -15.43
C THR A 613 20.71 -0.36 -14.11
N MET A 614 20.24 0.88 -14.22
CA MET A 614 19.71 1.61 -13.08
C MET A 614 18.28 2.07 -13.35
N THR A 615 17.40 1.86 -12.37
CA THR A 615 16.02 2.27 -12.48
C THR A 615 15.79 3.62 -11.78
N MET A 616 15.12 4.54 -12.46
CA MET A 616 14.79 5.82 -11.86
C MET A 616 13.28 6.00 -11.82
N SER A 617 12.72 6.01 -10.61
CA SER A 617 11.27 6.12 -10.44
C SER A 617 10.85 7.57 -10.24
N GLN A 618 9.85 8.00 -11.01
CA GLN A 618 9.36 9.38 -10.93
C GLN A 618 8.05 9.45 -10.15
N TYR A 619 8.10 10.10 -8.99
CA TYR A 619 6.90 10.31 -8.19
C TYR A 619 6.27 11.66 -8.55
N LEU A 620 4.95 11.69 -8.63
CA LEU A 620 4.24 12.95 -8.85
C LEU A 620 3.67 13.44 -7.53
N GLY A 621 4.26 14.52 -7.03
CA GLY A 621 4.01 14.99 -5.67
C GLY A 621 2.93 16.05 -5.54
N ARG A 622 3.15 16.95 -4.59
CA ARG A 622 2.24 18.06 -4.31
C ARG A 622 1.89 18.85 -5.56
N GLY A 623 0.62 19.20 -5.68
CA GLY A 623 0.12 19.92 -6.84
C GLY A 623 -0.73 19.03 -7.73
N ALA A 624 -0.67 17.73 -7.50
CA ALA A 624 -1.54 16.81 -8.23
C ALA A 624 -2.97 16.98 -7.73
N THR A 625 -3.87 17.30 -8.65
CA THR A 625 -5.25 17.61 -8.28
C THR A 625 -6.16 16.39 -8.36
N SER A 626 -5.64 15.29 -8.91
CA SER A 626 -6.42 14.09 -9.11
C SER A 626 -6.60 13.31 -7.81
N ARG A 627 -7.81 12.84 -7.56
CA ARG A 627 -8.12 12.11 -6.33
C ARG A 627 -8.91 10.85 -6.60
N GLY A 628 -8.69 9.83 -5.76
CA GLY A 628 -9.44 8.59 -5.85
C GLY A 628 -10.39 8.41 -4.68
N ARG A 629 -10.88 7.19 -4.50
CA ARG A 629 -11.76 6.88 -3.38
C ARG A 629 -11.50 5.48 -2.81
N MET A 630 -11.49 5.39 -1.49
CA MET A 630 -11.37 4.10 -0.82
C MET A 630 -12.73 3.63 -0.32
N THR A 631 -13.08 2.39 -0.62
CA THR A 631 -14.35 1.82 -0.16
C THR A 631 -14.11 0.54 0.61
N ILE A 632 -15.19 -0.08 1.06
CA ILE A 632 -15.10 -1.32 1.84
C ILE A 632 -16.06 -2.38 1.32
N THR A 633 -15.62 -3.63 1.36
CA THR A 633 -16.42 -4.77 0.92
C THR A 633 -17.27 -5.29 2.08
N PRO A 634 -18.34 -6.04 1.77
CA PRO A 634 -19.12 -6.70 2.83
C PRO A 634 -18.27 -7.70 3.63
N SER A 635 -17.13 -8.09 3.07
CA SER A 635 -16.15 -8.89 3.78
C SER A 635 -15.36 -8.03 4.78
N LEU A 636 -15.66 -6.74 4.77
CA LEU A 636 -14.97 -5.74 5.60
C LEU A 636 -13.49 -5.67 5.26
N THR A 637 -13.20 -5.53 3.97
CA THR A 637 -11.84 -5.32 3.49
C THR A 637 -11.77 -4.00 2.73
N THR A 638 -10.64 -3.31 2.86
CA THR A 638 -10.46 -2.02 2.18
C THR A 638 -9.94 -2.20 0.76
N ILE A 639 -10.63 -1.60 -0.19
CA ILE A 639 -10.20 -1.64 -1.59
C ILE A 639 -10.22 -0.23 -2.18
N VAL A 640 -9.48 -0.04 -3.28
CA VAL A 640 -9.56 1.21 -4.00
C VAL A 640 -10.59 1.08 -5.12
N SER A 641 -11.72 1.75 -4.95
CA SER A 641 -12.81 1.65 -5.92
C SER A 641 -12.54 2.55 -7.12
N ASP A 642 -11.89 3.67 -6.85
CA ASP A 642 -11.56 4.64 -7.90
C ASP A 642 -10.10 5.03 -7.82
N VAL A 643 -9.36 4.78 -8.89
CA VAL A 643 -7.92 5.03 -8.91
C VAL A 643 -7.63 6.52 -9.02
N PRO A 644 -6.83 7.06 -8.08
CA PRO A 644 -6.55 8.50 -7.99
C PRO A 644 -5.74 9.05 -9.16
N TYR A 645 -4.84 8.26 -9.72
CA TYR A 645 -3.86 8.76 -10.67
C TYR A 645 -4.45 9.22 -12.01
N LEU A 646 -3.85 10.27 -12.56
CA LEU A 646 -4.09 10.72 -13.93
C LEU A 646 -5.55 10.96 -14.30
N LYS A 647 -6.27 11.70 -13.46
CA LYS A 647 -7.61 12.14 -13.80
C LYS A 647 -7.53 13.48 -14.52
N ASP A 648 -7.04 14.50 -13.81
CA ASP A 648 -6.74 15.79 -14.41
C ASP A 648 -5.68 15.62 -15.49
N PRO A 649 -6.01 16.01 -16.73
CA PRO A 649 -5.07 15.89 -17.85
C PRO A 649 -3.79 16.70 -17.67
N ASN A 650 -3.87 17.78 -16.89
CA ASN A 650 -2.70 18.61 -16.61
C ASN A 650 -1.66 17.89 -15.75
N ASP A 651 -2.07 16.79 -15.11
CA ASP A 651 -1.16 16.00 -14.31
C ASP A 651 -0.27 15.13 -15.20
N LYS A 652 -0.85 14.58 -16.25
CA LYS A 652 -0.12 13.74 -17.19
C LYS A 652 0.95 14.53 -17.94
N GLU A 653 0.65 15.80 -18.20
CA GLU A 653 1.59 16.66 -18.91
C GLU A 653 2.87 16.89 -18.11
N ALA A 654 2.70 17.03 -16.79
CA ALA A 654 3.84 17.23 -15.90
C ALA A 654 4.74 16.01 -15.88
N VAL A 655 4.13 14.83 -15.92
CA VAL A 655 4.89 13.57 -15.95
C VAL A 655 5.74 13.47 -17.21
N ILE A 656 5.13 13.77 -18.35
CA ILE A 656 5.81 13.69 -19.64
C ILE A 656 6.95 14.69 -19.74
N GLN A 657 6.71 15.92 -19.30
CA GLN A 657 7.72 16.96 -19.36
C GLN A 657 8.92 16.62 -18.50
N GLY A 658 8.68 15.93 -17.39
CA GLY A 658 9.74 15.51 -16.50
C GLY A 658 10.73 14.57 -17.16
N ILE A 659 10.21 13.68 -17.99
CA ILE A 659 11.05 12.74 -18.73
C ILE A 659 11.81 13.46 -19.83
N ILE A 660 11.16 14.47 -20.43
CA ILE A 660 11.77 15.27 -21.48
C ILE A 660 12.98 16.02 -20.95
N ASN A 661 12.82 16.69 -19.82
CA ASN A 661 13.90 17.50 -19.24
C ASN A 661 15.02 16.64 -18.66
N LEU A 662 14.67 15.45 -18.18
CA LEU A 662 15.68 14.54 -17.64
C LEU A 662 16.59 14.02 -18.76
N GLN A 663 16.00 13.78 -19.92
CA GLN A 663 16.76 13.32 -21.08
C GLN A 663 17.67 14.41 -21.62
N ASN A 664 17.25 15.67 -21.43
CA ASN A 664 18.07 16.79 -21.85
C ASN A 664 19.29 16.95 -20.95
N ALA A 665 19.12 16.62 -19.67
CA ALA A 665 20.20 16.74 -18.69
C ALA A 665 21.19 15.59 -18.78
N LEU A 666 20.69 14.39 -19.03
CA LEU A 666 21.54 13.19 -19.01
C LEU A 666 22.13 12.83 -20.36
N GLN A 667 21.83 13.63 -21.39
CA GLN A 667 22.29 13.28 -22.73
C GLN A 667 23.76 13.66 -22.95
N ASN A 668 24.34 14.38 -22.00
CA ASN A 668 25.75 14.75 -22.09
C ASN A 668 26.64 13.57 -21.72
N VAL A 669 26.06 12.61 -21.02
CA VAL A 669 26.80 11.44 -20.55
C VAL A 669 27.19 10.51 -21.69
N ALA A 670 28.44 10.09 -21.70
CA ALA A 670 28.92 9.16 -22.72
C ALA A 670 28.57 7.73 -22.35
N ASN A 671 28.29 6.91 -23.37
CA ASN A 671 28.02 5.49 -23.20
C ASN A 671 26.70 5.18 -22.48
N LEU A 672 26.01 6.22 -22.01
CA LEU A 672 24.72 6.04 -21.35
C LEU A 672 23.65 5.63 -22.37
N THR A 673 22.86 4.63 -22.00
CA THR A 673 21.83 4.09 -22.88
C THR A 673 20.47 4.10 -22.18
N TRP A 674 19.43 4.47 -22.92
CA TRP A 674 18.07 4.47 -22.37
C TRP A 674 17.32 3.22 -22.81
N LEU A 675 17.11 2.29 -21.90
CA LEU A 675 16.33 1.09 -22.21
C LEU A 675 14.83 1.37 -22.19
N PHE A 676 14.36 1.94 -21.09
CA PHE A 676 12.96 2.33 -20.98
C PHE A 676 12.79 3.82 -20.73
N PRO A 677 12.22 4.55 -21.71
CA PRO A 677 11.79 4.05 -23.02
C PRO A 677 12.97 3.81 -23.95
N ASN A 678 12.77 3.07 -25.04
CA ASN A 678 13.85 2.88 -26.00
C ASN A 678 14.12 4.19 -26.73
N SER A 679 15.06 4.21 -27.65
CA SER A 679 15.37 5.45 -28.36
C SER A 679 14.32 5.79 -29.40
N THR A 680 13.51 4.80 -29.77
CA THR A 680 12.53 4.97 -30.85
C THR A 680 11.17 5.46 -30.34
N ILE A 681 10.99 5.46 -29.03
CA ILE A 681 9.72 5.87 -28.43
C ILE A 681 9.83 7.23 -27.75
N THR A 682 8.95 8.17 -28.14
CA THR A 682 8.89 9.47 -27.50
C THR A 682 8.27 9.33 -26.12
N PRO A 683 8.70 10.17 -25.15
CA PRO A 683 8.24 10.11 -23.77
C PRO A 683 6.72 10.19 -23.61
N ARG A 684 6.03 10.81 -24.57
CA ARG A 684 4.58 10.90 -24.51
C ARG A 684 3.93 9.56 -24.83
N GLU A 685 4.44 8.89 -25.86
CA GLU A 685 3.94 7.58 -26.26
C GLU A 685 4.21 6.53 -25.19
N TYR A 686 5.30 6.74 -24.44
CA TYR A 686 5.69 5.80 -23.41
C TYR A 686 4.78 5.88 -22.17
N VAL A 687 4.37 7.10 -21.84
CA VAL A 687 3.51 7.33 -20.68
C VAL A 687 2.08 6.84 -20.93
N GLU A 688 1.53 7.19 -22.08
CA GLU A 688 0.14 6.89 -22.40
C GLU A 688 -0.10 5.40 -22.68
N SER A 689 0.94 4.72 -23.16
CA SER A 689 0.81 3.29 -23.46
C SER A 689 0.96 2.46 -22.19
N MET A 690 1.31 3.10 -21.09
CA MET A 690 1.40 2.43 -19.80
C MET A 690 0.03 2.24 -19.18
N VAL A 691 -0.10 1.19 -18.38
CA VAL A 691 -1.36 0.90 -17.70
C VAL A 691 -1.47 1.73 -16.42
N VAL A 692 -2.64 2.32 -16.19
CA VAL A 692 -2.87 3.06 -14.96
C VAL A 692 -3.68 2.19 -14.00
N SER A 693 -3.01 1.69 -12.99
CA SER A 693 -3.62 0.82 -11.99
C SER A 693 -2.93 1.04 -10.66
N PRO A 694 -3.63 0.77 -9.54
CA PRO A 694 -2.97 0.87 -8.23
C PRO A 694 -1.76 -0.06 -8.11
N SER A 695 -1.78 -1.20 -8.80
CA SER A 695 -0.69 -2.16 -8.65
C SER A 695 0.66 -1.65 -9.15
N ASN A 696 0.72 -1.27 -10.42
CA ASN A 696 1.99 -0.86 -11.03
C ASN A 696 2.40 0.58 -10.73
N ARG A 697 1.41 1.48 -10.65
CA ARG A 697 1.70 2.91 -10.57
C ARG A 697 1.78 3.48 -9.16
N ARG A 698 1.64 2.63 -8.14
CA ARG A 698 1.63 3.12 -6.77
C ARG A 698 3.02 3.36 -6.21
N SER A 699 3.15 4.41 -5.42
CA SER A 699 4.37 4.67 -4.67
C SER A 699 4.22 4.16 -3.24
N ASN A 700 3.08 3.53 -2.97
CA ASN A 700 2.75 2.92 -1.68
C ASN A 700 2.48 3.94 -0.56
N HIS A 701 2.60 5.22 -0.87
CA HIS A 701 2.28 6.26 0.11
C HIS A 701 0.82 6.67 -0.03
N TRP A 702 0.01 6.31 0.96
CA TRP A 702 -1.42 6.56 0.88
C TRP A 702 -1.87 7.54 1.94
N MET A 703 -2.49 8.64 1.52
CA MET A 703 -2.94 9.67 2.44
C MET A 703 -4.30 10.22 2.05
N GLY A 704 -5.03 10.75 3.03
CA GLY A 704 -6.22 11.54 2.74
C GLY A 704 -7.59 10.93 2.92
N THR A 705 -7.69 9.72 3.48
CA THR A 705 -8.98 9.08 3.65
C THR A 705 -9.87 9.86 4.64
N ASN A 706 -9.28 10.32 5.73
CA ASN A 706 -9.98 11.23 6.62
C ASN A 706 -9.37 12.62 6.50
N LYS A 707 -10.05 13.53 5.83
CA LYS A 707 -9.44 14.80 5.46
C LYS A 707 -9.49 15.83 6.58
N LEU A 708 -8.36 16.48 6.82
CA LEU A 708 -8.29 17.59 7.75
C LEU A 708 -8.72 18.88 7.04
N GLY A 709 -9.63 19.62 7.66
CA GLY A 709 -10.11 20.85 7.07
C GLY A 709 -11.08 21.57 7.99
N THR A 710 -11.35 22.84 7.69
CA THR A 710 -12.23 23.65 8.51
C THR A 710 -13.68 23.57 8.02
N ASP A 711 -13.89 22.92 6.88
CA ASP A 711 -15.22 22.81 6.29
C ASP A 711 -15.91 21.52 6.73
N ASP A 712 -16.94 21.66 7.55
CA ASP A 712 -17.61 20.52 8.16
C ASP A 712 -18.17 19.56 7.12
N GLY A 713 -17.82 18.28 7.24
CA GLY A 713 -18.27 17.26 6.31
C GLY A 713 -19.74 16.95 6.46
N ARG A 714 -20.28 17.21 7.64
CA ARG A 714 -21.69 17.00 7.91
C ARG A 714 -22.53 18.07 7.21
N LYS A 715 -21.90 19.19 6.91
CA LYS A 715 -22.56 20.30 6.23
C LYS A 715 -22.40 20.18 4.72
N GLY A 716 -21.78 19.10 4.27
CA GLY A 716 -21.50 18.90 2.86
C GLY A 716 -20.08 19.28 2.48
N GLY A 717 -19.22 19.39 3.47
CA GLY A 717 -17.82 19.74 3.25
C GLY A 717 -16.94 18.51 3.04
N SER A 718 -15.68 18.75 2.71
CA SER A 718 -14.74 17.67 2.40
C SER A 718 -14.04 17.09 3.62
N ALA A 719 -14.08 17.81 4.75
CA ALA A 719 -13.30 17.43 5.91
C ALA A 719 -13.94 16.32 6.74
N VAL A 720 -13.09 15.56 7.43
CA VAL A 720 -13.52 14.53 8.36
C VAL A 720 -13.16 14.98 9.77
N VAL A 721 -11.88 15.22 10.00
CA VAL A 721 -11.40 15.75 11.27
C VAL A 721 -11.14 17.25 11.15
N ASP A 722 -11.36 17.99 12.24
CA ASP A 722 -11.10 19.42 12.25
C ASP A 722 -9.62 19.71 12.51
N LEU A 723 -9.30 20.97 12.77
CA LEU A 723 -7.91 21.40 12.93
C LEU A 723 -7.22 20.79 14.15
N ASP A 724 -8.01 20.21 15.05
CA ASP A 724 -7.45 19.49 16.20
C ASP A 724 -7.30 18.01 15.91
N THR A 725 -7.57 17.64 14.66
CA THR A 725 -7.58 16.24 14.21
C THR A 725 -8.65 15.45 14.95
N ARG A 726 -9.74 16.14 15.28
CA ARG A 726 -10.87 15.52 15.97
C ARG A 726 -12.04 15.32 15.01
N VAL A 727 -12.61 14.13 15.03
CA VAL A 727 -13.70 13.78 14.14
C VAL A 727 -14.94 14.64 14.38
N TYR A 728 -15.47 15.23 13.32
CA TYR A 728 -16.67 16.06 13.42
C TYR A 728 -17.85 15.24 13.92
N GLY A 729 -18.53 15.77 14.94
CA GLY A 729 -19.66 15.09 15.54
C GLY A 729 -19.25 14.32 16.77
N THR A 730 -17.98 14.44 17.14
CA THR A 730 -17.44 13.74 18.31
C THR A 730 -16.54 14.65 19.13
N ASP A 731 -16.70 14.64 20.44
CA ASP A 731 -15.84 15.42 21.32
C ASP A 731 -14.50 14.77 21.63
N ASN A 732 -14.53 13.47 21.95
CA ASN A 732 -13.33 12.79 22.43
C ASN A 732 -12.54 11.94 21.43
N LEU A 733 -13.00 11.82 20.18
CA LEU A 733 -12.29 10.98 19.22
C LEU A 733 -11.36 11.78 18.32
N PHE A 734 -10.12 11.32 18.19
CA PHE A 734 -9.11 12.01 17.41
C PHE A 734 -8.42 11.05 16.44
N VAL A 735 -7.82 11.58 15.39
CA VAL A 735 -7.11 10.76 14.42
C VAL A 735 -5.74 11.33 14.09
N ILE A 736 -4.68 10.60 14.44
CA ILE A 736 -3.34 10.98 14.02
C ILE A 736 -2.67 9.89 13.20
N ASP A 737 -2.57 10.12 11.89
CA ASP A 737 -1.85 9.25 10.96
C ASP A 737 -1.81 9.91 9.59
N ALA A 738 -1.28 9.20 8.61
CA ALA A 738 -1.18 9.72 7.25
C ALA A 738 -2.53 10.02 6.62
N SER A 739 -3.60 9.52 7.22
CA SER A 739 -4.94 9.67 6.65
C SER A 739 -5.43 11.12 6.67
N ILE A 740 -4.86 11.94 7.53
CA ILE A 740 -5.35 13.31 7.70
C ILE A 740 -4.78 14.30 6.68
N PHE A 741 -3.77 13.88 5.94
CA PHE A 741 -3.13 14.76 4.97
C PHE A 741 -4.01 15.02 3.75
N PRO A 742 -4.36 16.29 3.51
CA PRO A 742 -5.21 16.72 2.39
C PRO A 742 -4.63 16.32 1.03
N GLY A 743 -3.32 16.19 0.97
CA GLY A 743 -2.64 15.76 -0.25
C GLY A 743 -1.26 15.25 0.07
N VAL A 744 -0.67 14.53 -0.88
CA VAL A 744 0.68 14.01 -0.69
C VAL A 744 1.71 15.14 -0.82
N PRO A 745 2.74 15.11 0.04
CA PRO A 745 3.77 16.15 0.04
C PRO A 745 4.78 15.97 -1.10
N THR A 746 5.80 16.81 -1.09
CA THR A 746 6.87 16.78 -2.09
C THR A 746 7.62 15.46 -2.07
N THR A 747 7.80 14.92 -0.88
CA THR A 747 8.76 13.84 -0.66
C THR A 747 8.09 12.62 -0.02
N ASN A 748 8.89 11.59 0.26
CA ASN A 748 8.42 10.43 1.00
C ASN A 748 7.89 10.84 2.37
N PRO A 749 6.63 10.46 2.66
CA PRO A 749 5.79 11.04 3.73
C PRO A 749 6.16 10.74 5.18
N THR A 750 6.94 9.69 5.45
CA THR A 750 7.15 9.24 6.83
C THR A 750 7.56 10.36 7.79
N SER A 751 8.51 11.19 7.37
CA SER A 751 8.99 12.29 8.21
C SER A 751 7.91 13.35 8.45
N TYR A 752 7.06 13.55 7.45
CA TYR A 752 5.96 14.50 7.57
C TYR A 752 4.91 14.02 8.57
N ILE A 753 4.69 12.71 8.59
CA ILE A 753 3.66 12.12 9.44
C ILE A 753 4.08 12.16 10.92
N VAL A 754 5.36 11.88 11.17
CA VAL A 754 5.90 11.94 12.52
C VAL A 754 5.85 13.37 13.04
N VAL A 755 6.09 14.33 12.14
CA VAL A 755 5.98 15.74 12.49
C VAL A 755 4.53 16.09 12.81
N ALA A 756 3.61 15.60 12.00
CA ALA A 756 2.18 15.82 12.25
C ALA A 756 1.75 15.20 13.57
N ALA A 757 2.40 14.10 13.95
CA ALA A 757 2.14 13.48 15.24
C ALA A 757 2.58 14.38 16.37
N GLU A 758 3.75 14.98 16.23
CA GLU A 758 4.28 15.90 17.23
C GLU A 758 3.39 17.13 17.38
N HIS A 759 2.94 17.66 16.25
CA HIS A 759 2.14 18.88 16.24
C HIS A 759 0.74 18.65 16.81
N ALA A 760 0.10 17.57 16.37
CA ALA A 760 -1.26 17.25 16.80
C ALA A 760 -1.31 16.87 18.27
N SER A 761 -0.31 16.11 18.72
CA SER A 761 -0.26 15.69 20.12
C SER A 761 -0.12 16.89 21.05
N SER A 762 0.55 17.94 20.58
CA SER A 762 0.71 19.14 21.37
C SER A 762 -0.61 19.90 21.50
N ARG A 763 -1.43 19.82 20.46
CA ARG A 763 -2.72 20.48 20.45
C ARG A 763 -3.73 19.76 21.33
N ILE A 764 -3.75 18.44 21.24
CA ILE A 764 -4.66 17.62 22.04
C ILE A 764 -4.37 17.77 23.52
N LEU A 765 -3.09 17.83 23.87
CA LEU A 765 -2.68 18.04 25.26
C LEU A 765 -3.10 19.42 25.75
N ALA A 766 -3.01 20.41 24.86
CA ALA A 766 -3.34 21.79 25.22
C ALA A 766 -4.84 21.99 25.43
N LEU A 767 -5.64 21.10 24.86
CA LEU A 767 -7.09 21.19 24.98
C LEU A 767 -7.56 20.99 26.42
N PRO A 768 -8.46 21.87 26.89
CA PRO A 768 -9.07 21.75 28.22
C PRO A 768 -9.86 20.45 28.35
N ASP A 769 -9.98 19.95 29.57
CA ASP A 769 -10.72 18.70 29.82
C ASP A 769 -12.18 18.85 29.44
N LEU A 770 -12.79 17.77 28.97
CA LEU A 770 -14.17 17.78 28.51
C LEU A 770 -15.13 17.99 29.68
N GLU A 771 -16.01 18.98 29.54
CA GLU A 771 -16.99 19.29 30.58
C GLU A 771 -18.37 18.83 30.13
N PRO A 772 -18.98 17.91 30.90
CA PRO A 772 -20.26 17.31 30.54
C PRO A 772 -21.43 18.30 30.53
N VAL A 773 -22.32 18.15 29.56
CA VAL A 773 -23.48 19.01 29.43
C VAL A 773 -24.52 18.71 30.51
N PRO A 774 -24.97 19.75 31.21
CA PRO A 774 -25.98 19.64 32.27
C PRO A 774 -27.34 19.21 31.73
N LYS A 775 -28.22 18.80 32.62
CA LYS A 775 -29.56 18.32 32.25
C LYS A 775 -30.32 19.37 31.45
N TYR A 776 -31.17 18.90 30.52
CA TYR A 776 -32.00 19.72 29.66
C TYR A 776 -31.23 20.48 28.58
N GLY A 777 -29.90 20.35 28.60
CA GLY A 777 -29.07 20.99 27.60
C GLY A 777 -29.02 20.20 26.31
N GLN A 778 -28.43 20.77 25.27
CA GLN A 778 -28.32 20.10 23.98
C GLN A 778 -26.99 19.36 23.87
N CYS A 779 -27.06 18.03 23.85
CA CYS A 779 -25.85 17.22 23.78
C CYS A 779 -25.51 16.74 22.38
N GLY A 780 -26.36 17.06 21.40
CA GLY A 780 -26.14 16.55 20.06
C GLY A 780 -26.86 17.25 18.92
N GLY A 781 -26.37 16.98 17.71
CA GLY A 781 -26.95 17.53 16.49
C GLY A 781 -25.98 17.26 15.34
N ARG A 782 -26.46 17.39 14.11
CA ARG A 782 -25.59 17.14 12.96
C ARG A 782 -24.72 18.38 12.70
N GLU A 783 -25.15 19.53 13.22
CA GLU A 783 -24.35 20.74 13.20
C GLU A 783 -23.66 21.01 14.53
N TRP A 784 -23.87 20.14 15.51
CA TRP A 784 -23.44 20.44 16.88
C TRP A 784 -21.93 20.29 17.11
N THR A 785 -21.32 21.39 17.54
CA THR A 785 -19.88 21.43 17.85
C THR A 785 -19.52 20.94 19.26
N GLY A 786 -20.32 21.33 20.25
CA GLY A 786 -19.92 21.24 21.64
C GLY A 786 -19.92 19.85 22.27
N SER A 787 -19.90 19.81 23.60
CA SER A 787 -19.79 18.57 24.35
C SER A 787 -20.95 17.61 24.07
N PHE A 788 -20.61 16.37 23.75
CA PHE A 788 -21.62 15.37 23.43
C PHE A 788 -21.99 14.47 24.60
N VAL A 789 -21.33 14.67 25.74
CA VAL A 789 -21.55 13.78 26.88
C VAL A 789 -22.44 14.43 27.95
N CYS A 790 -23.39 13.66 28.46
CA CYS A 790 -24.32 14.14 29.47
C CYS A 790 -23.76 14.05 30.89
N ALA A 791 -24.18 14.98 31.74
CA ALA A 791 -23.83 14.97 33.15
C ALA A 791 -24.49 13.80 33.86
N ASP A 792 -23.97 13.45 35.04
CA ASP A 792 -24.48 12.33 35.84
C ASP A 792 -25.98 12.45 36.11
N GLY A 793 -26.67 11.31 36.07
CA GLY A 793 -28.11 11.28 36.30
C GLY A 793 -28.89 11.69 35.07
N SER A 794 -28.20 11.83 33.96
CA SER A 794 -28.83 12.23 32.70
C SER A 794 -28.28 11.45 31.53
N THR A 795 -29.15 11.17 30.56
CA THR A 795 -28.76 10.44 29.36
C THR A 795 -29.04 11.27 28.11
N CYS A 796 -28.40 10.91 27.00
CA CYS A 796 -28.56 11.66 25.76
C CYS A 796 -29.67 11.06 24.90
N GLU A 797 -30.75 11.80 24.73
CA GLU A 797 -31.89 11.33 23.95
C GLU A 797 -31.98 12.00 22.57
N TYR A 798 -32.13 11.18 21.55
CA TYR A 798 -32.21 11.64 20.16
C TYR A 798 -33.62 12.08 19.81
N GLN A 799 -33.75 13.31 19.34
CA GLN A 799 -35.03 13.81 18.86
C GLN A 799 -35.10 13.69 17.34
N ASN A 800 -34.29 14.48 16.65
CA ASN A 800 -34.13 14.39 15.21
C ASN A 800 -32.68 14.58 14.82
N GLU A 801 -32.40 14.62 13.52
CA GLU A 801 -31.03 14.73 13.04
C GLU A 801 -30.35 16.02 13.48
N TRP A 802 -31.15 17.06 13.71
CA TRP A 802 -30.60 18.37 14.08
C TRP A 802 -30.54 18.60 15.58
N TYR A 803 -31.13 17.71 16.38
CA TYR A 803 -31.20 17.96 17.82
C TYR A 803 -31.15 16.69 18.69
N SER A 804 -30.47 16.80 19.82
CA SER A 804 -30.47 15.76 20.85
C SER A 804 -30.34 16.44 22.21
N GLN A 805 -31.02 15.91 23.22
CA GLN A 805 -31.10 16.58 24.51
C GLN A 805 -30.70 15.67 25.68
N CYS A 806 -30.09 16.28 26.70
CA CYS A 806 -29.76 15.55 27.93
C CYS A 806 -30.99 15.45 28.83
N LEU A 807 -31.38 14.21 29.12
CA LEU A 807 -32.55 13.96 29.96
C LEU A 807 -32.26 12.87 30.99
#